data_8R35
#
_entry.id   8R35
#
_cell.length_a   1.00
_cell.length_b   1.00
_cell.length_c   1.00
_cell.angle_alpha   90.00
_cell.angle_beta   90.00
_cell.angle_gamma   90.00
#
_symmetry.space_group_name_H-M   'P 1'
#
_entity_poly.entity_id   1
_entity_poly.type   'polypeptide(L)'
_entity_poly.pdbx_seq_one_letter_code
;MRFSHFLKYNAVPEWQNHYMDYSELKNLIYTLQTDELQVGDNEEGFGAGKSSNITDRFKNKFSFKNAKEDTSSGMNKDAG
IVEETIELRELPTAQTVAAKPSPFRRMKEKIFYKRRSSSASSVSSTANENLQLDTYDTFVGDLTAEKQKVDDFYKRTEAK
FYDKFDALVKDLKKIGVIEYDIDDDTLFNEPIASTNDEVPPLDLDDDEDDDEFYDDQSNIEDNTALLHHSQYNIKSQKKS
LLKKSIVNLYIDLCQLKSFIELNRIGFAKITKKSDKVLHLNTRTELIESEQFFKDTYAFQAETIELLNSKISQLVTFYAR
ITDRPHNISHSKQELKSYLHDHIVWERSNTWKDMLGLLSQADELTPKETEYNANKLVGKLDLEYYRWPLPRPINLKFTSI
NNVALPKLFFTKKAYKIYFIILVTGLLLGIKTFNDAAQHRCMALVECVAFLWASEAIPLHITAFLVPLLVVLFKVLKTSD
GAIMSAASASSEILAAMWSSTIMILLAGFTLGEVLAQYNIAKVLASWLLAFAGCKPRNVLLMAMCVVFFLSMWISNVAAP
VLTYSLLSPLLDAMDADSPFAQALVLGVALAANIGGMSSPISSPQNIISMSYLKPYGIGWGQFFAVALPSGILAMLLVWI
LLFTTFKMNKTKLEKFKPIKTKFTVKQYYIITVTVATILLWCVESQIEGAFGSSGQIAIIPIVLFFGTGLLSTQDLNAFP
WSIVILAMGGIALGKAVSSSGLLSTIAKALQKKIENDGVFAILCIFGILMLVVGTFVSHTVSAIIIIPLVQEVGDKLGNP
KAAPILVFGCALLSSCGMGLASSGFPNVTAISKVDRKGDRYLSVMTFLTRGVPASILAFLCVITLGYGIMASVVKGNATS
A
;
_entity_poly.pdbx_strand_id   A,B
#
# COMPACT_ATOMS: atom_id res chain seq x y z
N LYS A 407 21.68 29.80 -1.88
CA LYS A 407 20.49 29.53 -1.08
C LYS A 407 20.47 28.07 -0.61
N LEU A 408 19.61 27.27 -1.23
CA LEU A 408 19.50 25.85 -0.93
C LEU A 408 20.36 24.98 -1.82
N PHE A 409 21.11 25.57 -2.75
CA PHE A 409 21.98 24.83 -3.64
C PHE A 409 23.37 24.56 -3.06
N PHE A 410 23.68 25.13 -1.89
CA PHE A 410 24.99 24.99 -1.28
C PHE A 410 24.93 24.31 0.08
N THR A 411 23.82 23.62 0.38
CA THR A 411 23.70 22.92 1.65
C THR A 411 24.44 21.58 1.59
N LYS A 412 24.55 20.94 2.75
CA LYS A 412 25.17 19.62 2.81
C LYS A 412 24.36 18.60 2.01
N LYS A 413 23.03 18.71 2.05
CA LYS A 413 22.18 17.83 1.27
C LYS A 413 22.45 18.00 -0.22
N ALA A 414 22.62 19.25 -0.67
CA ALA A 414 22.94 19.49 -2.08
C ALA A 414 24.28 18.88 -2.46
N TYR A 415 25.27 19.00 -1.57
CA TYR A 415 26.58 18.41 -1.85
C TYR A 415 26.48 16.89 -1.95
N LYS A 416 25.71 16.27 -1.04
CA LYS A 416 25.53 14.82 -1.11
C LYS A 416 24.84 14.41 -2.41
N ILE A 417 23.83 15.17 -2.80
CA ILE A 417 23.05 14.83 -4.04
C ILE A 417 23.99 14.92 -5.24
N TYR A 418 24.80 15.97 -5.32
CA TYR A 418 25.76 16.13 -6.45
C TYR A 418 26.70 14.92 -6.48
N PHE A 419 27.17 14.50 -5.30
CA PHE A 419 28.14 13.37 -5.24
C PHE A 419 27.49 12.11 -5.82
N ILE A 420 26.27 11.78 -5.39
CA ILE A 420 25.59 10.54 -5.86
C ILE A 420 25.48 10.61 -7.39
N ILE A 421 25.05 11.76 -7.91
CA ILE A 421 24.90 11.92 -9.39
C ILE A 421 26.26 11.68 -10.05
N LEU A 422 27.32 12.29 -9.51
CA LEU A 422 28.66 12.16 -10.11
C LEU A 422 29.08 10.68 -10.15
N VAL A 423 29.00 9.99 -9.01
CA VAL A 423 29.48 8.58 -8.95
C VAL A 423 28.61 7.71 -9.85
N THR A 424 27.28 7.86 -9.78
CA THR A 424 26.37 7.01 -10.58
C THR A 424 26.67 7.22 -12.07
N GLY A 425 26.85 8.47 -12.48
CA GLY A 425 27.16 8.77 -13.90
C GLY A 425 28.50 8.17 -14.30
N LEU A 426 29.53 8.37 -13.49
CA LEU A 426 30.86 7.77 -13.79
C LEU A 426 30.66 6.25 -13.91
N LEU A 427 29.97 5.66 -12.95
CA LEU A 427 29.67 4.21 -13.01
C LEU A 427 28.99 3.94 -14.37
N LEU A 428 27.91 4.67 -14.67
CA LEU A 428 27.21 4.43 -15.93
C LEU A 428 28.10 4.68 -17.14
N GLY A 429 29.17 5.45 -16.98
CA GLY A 429 30.07 5.73 -18.08
C GLY A 429 31.15 4.67 -18.26
N ILE A 430 31.91 4.40 -17.21
CA ILE A 430 32.98 3.41 -17.29
C ILE A 430 32.36 2.01 -17.38
N LYS A 431 32.87 1.20 -18.31
CA LYS A 431 32.38 -0.16 -18.50
C LYS A 431 32.88 -1.03 -17.36
N THR A 432 32.03 -1.21 -16.35
CA THR A 432 32.41 -2.04 -15.20
C THR A 432 32.27 -3.53 -15.52
N PHE A 433 31.06 -3.96 -15.86
CA PHE A 433 30.79 -5.34 -16.20
C PHE A 433 30.75 -5.52 -17.72
N ASN A 434 30.74 -6.79 -18.13
CA ASN A 434 30.68 -7.14 -19.55
C ASN A 434 29.25 -7.29 -20.06
N ASP A 435 28.25 -7.08 -19.20
CA ASP A 435 26.85 -7.11 -19.59
C ASP A 435 26.23 -5.76 -19.24
N ALA A 436 25.48 -5.20 -20.19
CA ALA A 436 24.88 -3.88 -19.97
C ALA A 436 23.88 -3.92 -18.82
N ALA A 437 23.08 -4.97 -18.73
CA ALA A 437 22.09 -5.07 -17.66
C ALA A 437 22.78 -5.11 -16.30
N GLN A 438 23.81 -5.94 -16.17
CA GLN A 438 24.52 -6.04 -14.89
C GLN A 438 25.25 -4.74 -14.55
N HIS A 439 25.85 -4.09 -15.55
CA HIS A 439 26.55 -2.84 -15.31
C HIS A 439 25.59 -1.76 -14.81
N ARG A 440 24.46 -1.58 -15.49
CA ARG A 440 23.51 -0.58 -15.06
C ARG A 440 22.84 -0.96 -13.74
N CYS A 441 22.69 -2.25 -13.48
CA CYS A 441 22.17 -2.68 -12.17
C CYS A 441 23.16 -2.34 -11.06
N MET A 442 24.46 -2.52 -11.31
CA MET A 442 25.45 -2.13 -10.32
C MET A 442 25.41 -0.62 -10.08
N ALA A 443 25.27 0.16 -11.14
CA ALA A 443 25.16 1.61 -10.97
C ALA A 443 23.92 1.98 -10.15
N LEU A 444 22.79 1.35 -10.45
CA LEU A 444 21.56 1.63 -9.71
C LEU A 444 21.68 1.22 -8.24
N VAL A 445 22.28 0.06 -7.99
CA VAL A 445 22.46 -0.40 -6.61
C VAL A 445 23.35 0.56 -5.84
N GLU A 446 24.44 1.02 -6.46
CA GLU A 446 25.31 1.99 -5.81
C GLU A 446 24.54 3.28 -5.51
N CYS A 447 23.76 3.76 -6.49
CA CYS A 447 23.00 4.99 -6.28
C CYS A 447 22.05 4.87 -5.10
N VAL A 448 21.24 3.80 -5.08
CA VAL A 448 20.25 3.65 -4.03
C VAL A 448 20.92 3.42 -2.68
N ALA A 449 22.00 2.63 -2.64
CA ALA A 449 22.68 2.36 -1.38
C ALA A 449 23.28 3.62 -0.80
N PHE A 450 23.93 4.45 -1.63
CA PHE A 450 24.49 5.70 -1.12
C PHE A 450 23.39 6.67 -0.71
N LEU A 451 22.28 6.72 -1.46
CA LEU A 451 21.18 7.59 -1.06
C LEU A 451 20.61 7.18 0.28
N TRP A 452 20.52 5.87 0.54
CA TRP A 452 20.01 5.40 1.81
C TRP A 452 21.00 5.65 2.94
N ALA A 453 22.29 5.40 2.70
CA ALA A 453 23.29 5.54 3.75
C ALA A 453 23.50 7.00 4.14
N SER A 454 23.66 7.87 3.15
CA SER A 454 23.88 9.28 3.44
C SER A 454 22.61 10.00 3.89
N GLU A 455 21.44 9.43 3.58
CA GLU A 455 20.14 10.02 3.94
C GLU A 455 20.03 11.45 3.41
N ALA A 456 20.47 11.65 2.16
CA ALA A 456 20.30 12.95 1.52
C ALA A 456 18.83 13.31 1.39
N ILE A 457 18.01 12.34 1.01
CA ILE A 457 16.56 12.51 0.94
C ILE A 457 15.95 11.52 1.92
N PRO A 458 14.69 11.73 2.32
CA PRO A 458 14.06 10.82 3.28
C PRO A 458 14.08 9.38 2.79
N LEU A 459 14.21 8.47 3.75
CA LEU A 459 14.45 7.06 3.42
C LEU A 459 13.31 6.47 2.60
N HIS A 460 12.07 6.76 2.98
CA HIS A 460 10.93 6.22 2.25
C HIS A 460 10.83 6.81 0.85
N ILE A 461 11.36 8.02 0.65
CA ILE A 461 11.32 8.64 -0.68
C ILE A 461 12.25 7.93 -1.64
N THR A 462 13.44 7.53 -1.17
CA THR A 462 14.32 6.73 -2.00
C THR A 462 13.67 5.40 -2.37
N ALA A 463 12.80 4.88 -1.50
CA ALA A 463 12.04 3.69 -1.84
C ALA A 463 11.07 3.96 -2.99
N PHE A 464 10.46 5.16 -3.00
CA PHE A 464 9.63 5.56 -4.14
C PHE A 464 10.47 5.72 -5.40
N LEU A 465 11.69 6.22 -5.25
CA LEU A 465 12.57 6.43 -6.40
C LEU A 465 13.06 5.13 -7.02
N VAL A 466 13.03 4.02 -6.27
CA VAL A 466 13.59 2.77 -6.77
C VAL A 466 12.88 2.26 -8.03
N PRO A 467 11.54 2.14 -8.06
CA PRO A 467 10.90 1.66 -9.30
C PRO A 467 11.18 2.53 -10.51
N LEU A 468 11.19 3.85 -10.32
CA LEU A 468 11.45 4.76 -11.44
C LEU A 468 12.85 4.54 -12.00
N LEU A 469 13.85 4.42 -11.12
CA LEU A 469 15.21 4.18 -11.58
C LEU A 469 15.35 2.81 -12.22
N VAL A 470 14.66 1.80 -11.68
CA VAL A 470 14.71 0.47 -12.27
C VAL A 470 14.15 0.48 -13.69
N VAL A 471 13.03 1.19 -13.88
CA VAL A 471 12.45 1.28 -15.22
C VAL A 471 13.36 2.07 -16.15
N LEU A 472 13.91 3.18 -15.67
CA LEU A 472 14.76 4.02 -16.52
C LEU A 472 16.07 3.32 -16.86
N PHE A 473 16.70 2.67 -15.88
CA PHE A 473 18.02 2.08 -16.09
C PHE A 473 17.98 0.82 -16.94
N LYS A 474 16.79 0.25 -17.18
CA LYS A 474 16.64 -0.98 -17.97
C LYS A 474 17.49 -2.11 -17.39
N VAL A 475 17.19 -2.45 -16.13
CA VAL A 475 17.93 -3.46 -15.40
C VAL A 475 17.07 -4.69 -15.14
N LEU A 476 15.99 -4.86 -15.88
CA LEU A 476 15.10 -6.00 -15.74
C LEU A 476 15.14 -6.83 -17.02
N LYS A 477 15.21 -8.14 -16.86
CA LYS A 477 15.36 -9.05 -18.00
C LYS A 477 14.29 -10.13 -17.94
N THR A 478 13.93 -10.63 -19.13
CA THR A 478 12.99 -11.73 -19.23
C THR A 478 13.63 -13.03 -18.74
N SER A 479 12.78 -14.05 -18.58
CA SER A 479 13.30 -15.39 -18.32
C SER A 479 14.14 -15.89 -19.50
N ASP A 480 13.86 -15.39 -20.71
CA ASP A 480 14.70 -15.73 -21.86
C ASP A 480 16.11 -15.18 -21.69
N GLY A 481 16.24 -13.97 -21.16
CA GLY A 481 17.53 -13.32 -21.01
C GLY A 481 17.68 -11.99 -21.74
N ALA A 482 16.60 -11.47 -22.34
CA ALA A 482 16.63 -10.20 -23.03
C ALA A 482 16.04 -9.12 -22.12
N ILE A 483 16.49 -7.89 -22.32
CA ILE A 483 16.06 -6.77 -21.47
C ILE A 483 14.58 -6.49 -21.72
N MET A 484 13.82 -6.42 -20.64
CA MET A 484 12.38 -6.20 -20.74
C MET A 484 12.09 -4.76 -21.16
N SER A 485 10.97 -4.59 -21.84
CA SER A 485 10.58 -3.27 -22.32
C SER A 485 10.18 -2.37 -21.16
N ALA A 486 10.13 -1.07 -21.44
CA ALA A 486 9.80 -0.09 -20.40
C ALA A 486 8.39 -0.32 -19.85
N ALA A 487 7.44 -0.60 -20.74
CA ALA A 487 6.08 -0.89 -20.28
C ALA A 487 6.03 -2.16 -19.43
N SER A 488 6.75 -3.19 -19.85
CA SER A 488 6.76 -4.44 -19.08
C SER A 488 7.55 -4.29 -17.79
N ALA A 489 8.65 -3.53 -17.82
CA ALA A 489 9.42 -3.32 -16.60
C ALA A 489 8.65 -2.52 -15.57
N SER A 490 7.75 -1.65 -16.02
CA SER A 490 6.93 -0.88 -15.08
C SER A 490 5.94 -1.76 -14.34
N SER A 491 5.35 -2.74 -15.05
CA SER A 491 4.37 -3.61 -14.42
C SER A 491 5.03 -4.64 -13.52
N GLU A 492 6.21 -5.15 -13.91
CA GLU A 492 6.86 -6.20 -13.13
C GLU A 492 7.39 -5.66 -11.81
N ILE A 493 8.07 -4.52 -11.83
CA ILE A 493 8.64 -3.98 -10.60
C ILE A 493 7.55 -3.53 -9.64
N LEU A 494 6.43 -3.00 -10.16
CA LEU A 494 5.35 -2.56 -9.28
C LEU A 494 4.58 -3.73 -8.70
N ALA A 495 4.44 -4.83 -9.45
CA ALA A 495 3.74 -6.00 -8.95
C ALA A 495 4.50 -6.67 -7.81
N ALA A 496 5.83 -6.73 -7.93
CA ALA A 496 6.66 -7.41 -6.95
C ALA A 496 6.81 -6.65 -5.65
N MET A 497 6.46 -5.36 -5.61
CA MET A 497 6.63 -4.57 -4.40
C MET A 497 5.73 -5.06 -3.27
N TRP A 498 4.48 -5.37 -3.58
CA TRP A 498 3.52 -5.83 -2.59
C TRP A 498 3.59 -7.35 -2.49
N SER A 499 3.99 -7.85 -1.32
CA SER A 499 4.14 -9.28 -1.12
C SER A 499 3.51 -9.65 0.23
N SER A 500 3.70 -10.90 0.65
CA SER A 500 3.09 -11.37 1.88
C SER A 500 3.71 -10.71 3.10
N THR A 501 5.01 -10.40 3.04
CA THR A 501 5.68 -9.81 4.20
C THR A 501 5.12 -8.44 4.54
N ILE A 502 4.71 -7.67 3.52
CA ILE A 502 4.07 -6.38 3.78
C ILE A 502 2.79 -6.60 4.58
N MET A 503 2.01 -7.62 4.23
CA MET A 503 0.76 -7.86 4.92
C MET A 503 1.00 -8.41 6.32
N ILE A 504 2.08 -9.17 6.51
CA ILE A 504 2.48 -9.58 7.86
C ILE A 504 2.82 -8.35 8.70
N LEU A 505 3.52 -7.39 8.09
CA LEU A 505 3.83 -6.14 8.80
C LEU A 505 2.55 -5.40 9.18
N LEU A 506 1.58 -5.36 8.26
CA LEU A 506 0.31 -4.72 8.56
C LEU A 506 -0.41 -5.41 9.71
N ALA A 507 -0.40 -6.75 9.71
CA ALA A 507 -1.00 -7.49 10.81
C ALA A 507 -0.28 -7.21 12.13
N GLY A 508 1.04 -7.10 12.10
CA GLY A 508 1.77 -6.74 13.29
C GLY A 508 1.40 -5.36 13.80
N PHE A 509 1.24 -4.40 12.89
CA PHE A 509 0.79 -3.07 13.27
C PHE A 509 -0.57 -3.13 13.95
N THR A 510 -1.51 -3.89 13.35
CA THR A 510 -2.85 -4.00 13.91
C THR A 510 -2.81 -4.65 15.29
N LEU A 511 -2.03 -5.73 15.44
CA LEU A 511 -1.95 -6.41 16.73
C LEU A 511 -1.34 -5.51 17.79
N GLY A 512 -0.28 -4.79 17.45
CA GLY A 512 0.30 -3.85 18.39
C GLY A 512 -0.68 -2.77 18.80
N GLU A 513 -1.42 -2.23 17.85
CA GLU A 513 -2.40 -1.18 18.16
C GLU A 513 -3.48 -1.70 19.08
N VAL A 514 -4.03 -2.89 18.81
CA VAL A 514 -5.12 -3.39 19.65
C VAL A 514 -4.61 -3.76 21.03
N LEU A 515 -3.41 -4.34 21.12
CA LEU A 515 -2.85 -4.69 22.42
C LEU A 515 -2.50 -3.46 23.25
N ALA A 516 -2.06 -2.38 22.62
CA ALA A 516 -1.74 -1.16 23.37
C ALA A 516 -2.98 -0.34 23.72
N GLN A 517 -4.02 -0.37 22.88
CA GLN A 517 -5.17 0.48 23.11
C GLN A 517 -6.10 -0.04 24.21
N TYR A 518 -6.22 -1.36 24.35
CA TYR A 518 -7.16 -1.96 25.28
C TYR A 518 -6.49 -2.46 26.56
N ASN A 519 -5.32 -1.92 26.89
CA ASN A 519 -4.63 -2.23 28.15
C ASN A 519 -4.36 -3.72 28.30
N ILE A 520 -4.07 -4.39 27.19
CA ILE A 520 -3.62 -5.78 27.25
C ILE A 520 -2.10 -5.85 27.26
N ALA A 521 -1.43 -5.00 26.49
CA ALA A 521 0.02 -4.94 26.53
C ALA A 521 0.53 -4.40 27.85
N LYS A 522 -0.28 -3.58 28.54
CA LYS A 522 0.15 -2.98 29.80
C LYS A 522 0.37 -4.05 30.87
N VAL A 523 -0.54 -5.01 30.98
CA VAL A 523 -0.45 -6.02 32.03
C VAL A 523 0.75 -6.93 31.80
N LEU A 524 0.90 -7.43 30.58
CA LEU A 524 2.04 -8.30 30.27
C LEU A 524 3.35 -7.54 30.36
N ALA A 525 3.35 -6.27 29.97
CA ALA A 525 4.54 -5.44 30.12
C ALA A 525 4.91 -5.28 31.59
N SER A 526 3.92 -5.05 32.45
CA SER A 526 4.20 -4.93 33.88
C SER A 526 4.77 -6.23 34.43
N TRP A 527 4.19 -7.36 34.03
CA TRP A 527 4.71 -8.65 34.47
C TRP A 527 6.17 -8.84 34.05
N LEU A 528 6.47 -8.56 32.77
CA LEU A 528 7.82 -8.75 32.27
C LEU A 528 8.81 -7.80 32.93
N LEU A 529 8.41 -6.55 33.15
CA LEU A 529 9.30 -5.58 33.78
C LEU A 529 9.56 -5.92 35.25
N ALA A 530 8.54 -6.44 35.94
CA ALA A 530 8.74 -6.92 37.30
C ALA A 530 9.70 -8.11 37.31
N PHE A 531 9.56 -9.01 36.34
CA PHE A 531 10.46 -10.16 36.27
C PHE A 531 11.90 -9.72 35.99
N ALA A 532 12.08 -8.74 35.11
CA ALA A 532 13.43 -8.34 34.70
C ALA A 532 14.17 -7.67 35.84
N GLY A 533 13.56 -6.70 36.49
CA GLY A 533 14.16 -5.99 37.60
C GLY A 533 14.26 -4.50 37.31
N CYS A 534 14.89 -3.79 38.25
CA CYS A 534 15.05 -2.34 38.15
C CYS A 534 16.36 -1.93 37.50
N LYS A 535 17.24 -2.87 37.19
CA LYS A 535 18.50 -2.53 36.55
C LYS A 535 18.27 -2.14 35.10
N PRO A 536 18.73 -0.96 34.67
CA PRO A 536 18.51 -0.56 33.26
C PRO A 536 19.12 -1.52 32.27
N ARG A 537 20.23 -2.18 32.63
CA ARG A 537 20.84 -3.14 31.74
C ARG A 537 19.99 -4.39 31.59
N ASN A 538 19.36 -4.84 32.68
CA ASN A 538 18.60 -6.08 32.65
C ASN A 538 17.34 -5.94 31.80
N VAL A 539 16.71 -4.76 31.83
CA VAL A 539 15.51 -4.55 31.04
C VAL A 539 15.81 -4.68 29.55
N LEU A 540 16.97 -4.18 29.13
CA LEU A 540 17.38 -4.35 27.74
C LEU A 540 17.54 -5.83 27.39
N LEU A 541 18.15 -6.60 28.29
CA LEU A 541 18.29 -8.03 28.04
C LEU A 541 16.93 -8.71 27.94
N MET A 542 16.00 -8.34 28.80
CA MET A 542 14.66 -8.93 28.73
C MET A 542 13.99 -8.59 27.41
N ALA A 543 14.10 -7.34 26.96
CA ALA A 543 13.50 -6.94 25.70
C ALA A 543 14.09 -7.73 24.53
N MET A 544 15.43 -7.82 24.48
CA MET A 544 16.06 -8.56 23.39
C MET A 544 15.71 -10.04 23.45
N CYS A 545 15.58 -10.60 24.65
CA CYS A 545 15.18 -12.00 24.77
C CYS A 545 13.76 -12.21 24.28
N VAL A 546 12.85 -11.27 24.57
CA VAL A 546 11.49 -11.38 24.08
C VAL A 546 11.46 -11.33 22.56
N VAL A 547 12.22 -10.40 21.97
CA VAL A 547 12.26 -10.31 20.51
C VAL A 547 12.84 -11.59 19.92
N PHE A 548 13.90 -12.12 20.53
CA PHE A 548 14.52 -13.36 20.05
C PHE A 548 13.52 -14.50 20.09
N PHE A 549 12.79 -14.65 21.21
CA PHE A 549 11.83 -15.74 21.34
C PHE A 549 10.70 -15.60 20.32
N LEU A 550 10.20 -14.38 20.12
CA LEU A 550 9.12 -14.19 19.16
C LEU A 550 9.59 -14.48 17.73
N SER A 551 10.76 -13.93 17.36
CA SER A 551 11.26 -14.11 16.00
C SER A 551 11.70 -15.54 15.72
N MET A 552 12.01 -16.32 16.75
CA MET A 552 12.34 -17.72 16.54
C MET A 552 11.16 -18.52 15.97
N TRP A 553 9.94 -18.02 16.13
CA TRP A 553 8.75 -18.72 15.63
C TRP A 553 8.01 -17.96 14.54
N ILE A 554 7.71 -16.68 14.76
CA ILE A 554 6.90 -15.92 13.82
C ILE A 554 7.74 -14.97 12.98
N SER A 555 9.05 -15.22 12.90
CA SER A 555 9.98 -14.42 12.10
C SER A 555 10.08 -12.98 12.60
N ASN A 556 11.04 -12.23 12.06
CA ASN A 556 11.30 -10.86 12.50
C ASN A 556 10.53 -9.83 11.68
N VAL A 557 9.57 -10.25 10.86
CA VAL A 557 8.76 -9.30 10.11
C VAL A 557 7.81 -8.54 11.03
N ALA A 558 7.15 -9.26 11.95
CA ALA A 558 6.17 -8.65 12.84
C ALA A 558 6.56 -8.67 14.30
N ALA A 559 7.54 -9.49 14.70
CA ALA A 559 7.95 -9.53 16.10
C ALA A 559 8.45 -8.20 16.63
N PRO A 560 9.28 -7.41 15.91
CA PRO A 560 9.67 -6.11 16.44
C PRO A 560 8.50 -5.20 16.76
N VAL A 561 7.46 -5.19 15.92
CA VAL A 561 6.30 -4.35 16.19
C VAL A 561 5.58 -4.80 17.45
N LEU A 562 5.42 -6.11 17.62
CA LEU A 562 4.77 -6.63 18.81
C LEU A 562 5.56 -6.28 20.07
N THR A 563 6.89 -6.38 20.00
CA THR A 563 7.69 -6.06 21.18
C THR A 563 7.69 -4.56 21.47
N TYR A 564 7.72 -3.72 20.43
CA TYR A 564 7.63 -2.28 20.64
C TYR A 564 6.28 -1.91 21.26
N SER A 565 5.22 -2.63 20.89
CA SER A 565 3.95 -2.47 21.59
C SER A 565 4.06 -2.94 23.04
N LEU A 566 4.81 -4.01 23.26
CA LEU A 566 4.99 -4.53 24.62
C LEU A 566 5.72 -3.52 25.51
N LEU A 567 6.79 -2.92 24.99
CA LEU A 567 7.58 -1.95 25.75
C LEU A 567 7.02 -0.55 25.69
N SER A 568 5.82 -0.38 25.13
CA SER A 568 5.20 0.94 25.08
C SER A 568 5.04 1.60 26.45
N PRO A 569 4.64 0.90 27.53
CA PRO A 569 4.54 1.60 28.82
C PRO A 569 5.84 2.25 29.28
N LEU A 570 6.98 1.64 28.98
CA LEU A 570 8.26 2.23 29.35
C LEU A 570 8.79 3.20 28.31
N LEU A 571 8.55 2.93 27.02
CA LEU A 571 9.05 3.78 25.95
C LEU A 571 8.20 5.02 25.74
N ASP A 572 7.03 5.11 26.37
CA ASP A 572 6.14 6.25 26.14
C ASP A 572 6.62 7.50 26.86
N ALA A 573 7.19 7.36 28.05
CA ALA A 573 7.56 8.49 28.88
C ALA A 573 9.03 8.87 28.77
N MET A 574 9.78 8.24 27.85
CA MET A 574 11.20 8.52 27.68
C MET A 574 11.40 9.42 26.47
N ASP A 575 12.19 10.48 26.66
CA ASP A 575 12.47 11.42 25.59
C ASP A 575 13.36 10.77 24.52
N ALA A 576 13.30 11.32 23.31
CA ALA A 576 14.12 10.81 22.22
C ALA A 576 15.60 11.00 22.48
N ASP A 577 15.97 11.99 23.29
CA ASP A 577 17.37 12.23 23.61
C ASP A 577 17.89 11.31 24.71
N SER A 578 17.02 10.53 25.33
CA SER A 578 17.47 9.63 26.39
C SER A 578 18.25 8.46 25.78
N PRO A 579 19.48 8.20 26.23
CA PRO A 579 20.24 7.07 25.68
C PRO A 579 19.56 5.73 25.91
N PHE A 580 18.80 5.59 27.00
CA PHE A 580 18.15 4.31 27.30
C PHE A 580 17.13 3.95 26.22
N ALA A 581 16.35 4.92 25.76
CA ALA A 581 15.34 4.64 24.75
C ALA A 581 15.98 4.24 23.42
N GLN A 582 17.02 4.97 23.00
CA GLN A 582 17.72 4.62 21.77
C GLN A 582 18.34 3.24 21.88
N ALA A 583 18.95 2.93 23.03
CA ALA A 583 19.54 1.62 23.25
C ALA A 583 18.49 0.53 23.18
N LEU A 584 17.31 0.77 23.77
CA LEU A 584 16.24 -0.23 23.73
C LEU A 584 15.77 -0.48 22.31
N VAL A 585 15.56 0.60 21.53
CA VAL A 585 15.09 0.43 20.16
C VAL A 585 16.12 -0.33 19.33
N LEU A 586 17.39 0.08 19.44
CA LEU A 586 18.45 -0.60 18.70
C LEU A 586 18.58 -2.06 19.13
N GLY A 587 18.44 -2.32 20.44
CA GLY A 587 18.55 -3.68 20.92
C GLY A 587 17.43 -4.56 20.39
N VAL A 588 16.21 -4.02 20.35
CA VAL A 588 15.09 -4.79 19.81
C VAL A 588 15.34 -5.10 18.33
N ALA A 589 15.79 -4.09 17.56
CA ALA A 589 16.05 -4.32 16.14
C ALA A 589 17.13 -5.36 15.93
N LEU A 590 18.25 -5.23 16.64
CA LEU A 590 19.38 -6.15 16.46
C LEU A 590 19.02 -7.54 16.94
N ALA A 591 18.24 -7.64 18.02
CA ALA A 591 17.80 -8.94 18.52
C ALA A 591 16.90 -9.63 17.52
N ALA A 592 16.00 -8.87 16.88
CA ALA A 592 15.18 -9.47 15.82
C ALA A 592 16.03 -9.95 14.66
N ASN A 593 17.01 -9.13 14.26
CA ASN A 593 17.89 -9.52 13.16
C ASN A 593 18.66 -10.80 13.48
N ILE A 594 19.16 -10.91 14.71
CA ILE A 594 19.90 -12.10 15.12
C ILE A 594 18.96 -13.31 15.21
N GLY A 595 17.79 -13.12 15.82
CA GLY A 595 16.83 -14.21 15.96
C GLY A 595 16.27 -14.70 14.65
N GLY A 596 16.38 -13.91 13.58
CA GLY A 596 16.00 -14.36 12.26
C GLY A 596 16.82 -15.53 11.73
N MET A 597 17.77 -16.03 12.52
CA MET A 597 18.61 -17.15 12.12
C MET A 597 18.48 -18.36 13.05
N SER A 598 17.54 -18.31 14.00
CA SER A 598 17.54 -19.28 15.09
C SER A 598 16.89 -20.61 14.70
N SER A 599 15.69 -20.56 14.12
CA SER A 599 14.91 -21.75 13.88
C SER A 599 14.67 -21.95 12.39
N PRO A 600 14.38 -23.17 11.95
CA PRO A 600 14.12 -23.43 10.53
C PRO A 600 12.88 -22.74 9.98
N ILE A 601 12.16 -21.96 10.79
CA ILE A 601 10.99 -21.24 10.32
C ILE A 601 11.10 -19.77 10.74
N SER A 602 12.30 -19.37 11.17
CA SER A 602 12.50 -18.01 11.66
C SER A 602 12.70 -17.00 10.55
N SER A 603 12.95 -17.44 9.32
CA SER A 603 13.15 -16.54 8.19
C SER A 603 12.96 -17.33 6.91
N PRO A 604 12.56 -16.67 5.81
CA PRO A 604 12.44 -17.40 4.54
C PRO A 604 13.75 -18.02 4.09
N GLN A 605 14.88 -17.35 4.33
CA GLN A 605 16.17 -17.95 4.01
C GLN A 605 16.41 -19.22 4.82
N ASN A 606 16.00 -19.21 6.09
CA ASN A 606 16.14 -20.40 6.92
C ASN A 606 15.25 -21.54 6.40
N ILE A 607 14.05 -21.21 5.93
CA ILE A 607 13.17 -22.25 5.39
C ILE A 607 13.75 -22.84 4.11
N ILE A 608 14.29 -21.99 3.23
CA ILE A 608 14.94 -22.49 2.02
C ILE A 608 16.14 -23.36 2.38
N SER A 609 16.90 -22.94 3.38
CA SER A 609 18.04 -23.73 3.83
C SER A 609 17.60 -25.08 4.38
N MET A 610 16.52 -25.11 5.14
CA MET A 610 16.00 -26.37 5.66
C MET A 610 15.57 -27.29 4.52
N SER A 611 14.90 -26.73 3.51
CA SER A 611 14.51 -27.52 2.35
C SER A 611 15.72 -28.09 1.63
N TYR A 612 16.79 -27.28 1.51
CA TYR A 612 18.00 -27.75 0.84
C TYR A 612 18.73 -28.79 1.68
N LEU A 613 18.68 -28.66 3.01
CA LEU A 613 19.47 -29.51 3.90
C LEU A 613 18.76 -30.80 4.28
N LYS A 614 17.45 -30.90 4.08
CA LYS A 614 16.72 -32.13 4.41
C LYS A 614 17.31 -33.37 3.75
N PRO A 615 17.64 -33.39 2.46
CA PRO A 615 18.24 -34.61 1.89
C PRO A 615 19.57 -35.00 2.52
N TYR A 616 20.36 -34.02 2.98
CA TYR A 616 21.68 -34.34 3.52
C TYR A 616 21.59 -35.11 4.83
N GLY A 617 20.60 -34.80 5.67
CA GLY A 617 20.45 -35.49 6.93
C GLY A 617 20.06 -34.58 8.07
N ILE A 618 20.24 -33.26 7.86
CA ILE A 618 19.90 -32.30 8.89
C ILE A 618 18.39 -32.27 9.07
N GLY A 619 17.93 -32.27 10.32
CA GLY A 619 16.53 -32.19 10.62
C GLY A 619 16.17 -30.97 11.46
N TRP A 620 14.95 -30.94 11.99
CA TRP A 620 14.56 -29.83 12.85
C TRP A 620 15.37 -29.81 14.14
N GLY A 621 15.80 -30.97 14.62
CA GLY A 621 16.55 -31.05 15.86
C GLY A 621 18.00 -30.65 15.72
N GLN A 622 18.69 -31.17 14.70
CA GLN A 622 20.09 -30.84 14.51
C GLN A 622 20.28 -29.39 14.09
N PHE A 623 19.27 -28.79 13.45
CA PHE A 623 19.34 -27.38 13.10
C PHE A 623 19.42 -26.51 14.35
N PHE A 624 18.61 -26.83 15.36
CA PHE A 624 18.60 -26.04 16.59
C PHE A 624 19.92 -26.10 17.32
N ALA A 625 20.51 -27.30 17.42
CA ALA A 625 21.74 -27.46 18.18
C ALA A 625 22.89 -26.63 17.63
N VAL A 626 22.82 -26.24 16.35
CA VAL A 626 23.86 -25.42 15.75
C VAL A 626 23.44 -23.96 15.60
N ALA A 627 22.15 -23.66 15.54
CA ALA A 627 21.74 -22.28 15.34
C ALA A 627 21.42 -21.56 16.64
N LEU A 628 20.73 -22.22 17.58
CA LEU A 628 20.37 -21.57 18.84
C LEU A 628 21.59 -21.17 19.67
N PRO A 629 22.60 -22.01 19.89
CA PRO A 629 23.76 -21.54 20.67
C PRO A 629 24.48 -20.36 20.05
N SER A 630 24.75 -20.41 18.74
CA SER A 630 25.42 -19.30 18.08
C SER A 630 24.57 -18.04 18.13
N GLY A 631 23.26 -18.17 17.90
CA GLY A 631 22.38 -17.02 17.96
C GLY A 631 22.33 -16.40 19.34
N ILE A 632 22.26 -17.23 20.38
CA ILE A 632 22.23 -16.73 21.75
C ILE A 632 23.55 -16.05 22.10
N LEU A 633 24.68 -16.64 21.70
CA LEU A 633 25.97 -16.01 21.97
C LEU A 633 26.09 -14.67 21.25
N ALA A 634 25.64 -14.61 20.00
CA ALA A 634 25.67 -13.34 19.27
C ALA A 634 24.79 -12.30 19.92
N MET A 635 23.60 -12.70 20.37
CA MET A 635 22.70 -11.77 21.04
C MET A 635 23.31 -11.27 22.35
N LEU A 636 23.97 -12.15 23.10
CA LEU A 636 24.63 -11.72 24.33
C LEU A 636 25.77 -10.76 24.05
N LEU A 637 26.55 -11.02 23.00
CA LEU A 637 27.64 -10.11 22.64
C LEU A 637 27.09 -8.74 22.23
N VAL A 638 26.00 -8.74 21.45
CA VAL A 638 25.39 -7.48 21.04
C VAL A 638 24.83 -6.74 22.24
N TRP A 639 24.26 -7.47 23.20
CA TRP A 639 23.78 -6.86 24.43
C TRP A 639 24.93 -6.23 25.21
N ILE A 640 26.07 -6.93 25.28
CA ILE A 640 27.24 -6.38 25.96
C ILE A 640 27.70 -5.10 25.29
N LEU A 641 27.79 -5.12 23.96
CA LEU A 641 28.19 -3.93 23.22
C LEU A 641 27.21 -2.78 23.46
N LEU A 642 25.91 -3.08 23.45
CA LEU A 642 24.90 -2.04 23.62
C LEU A 642 24.97 -1.41 25.01
N PHE A 643 25.09 -2.23 26.06
CA PHE A 643 25.12 -1.67 27.40
C PHE A 643 26.49 -1.11 27.77
N THR A 644 27.52 -1.38 26.96
CA THR A 644 28.82 -0.76 27.15
C THR A 644 28.99 0.56 26.42
N THR A 645 28.46 0.69 25.20
CA THR A 645 28.72 1.86 24.36
C THR A 645 27.55 2.82 24.24
N PHE A 646 26.45 2.61 24.98
CA PHE A 646 25.30 3.51 24.90
C PHE A 646 25.04 4.28 26.18
N LYS A 647 25.70 3.94 27.28
CA LYS A 647 25.57 4.65 28.55
C LYS A 647 24.10 4.65 29.00
N MET A 648 23.48 3.48 28.95
CA MET A 648 22.12 3.34 29.45
C MET A 648 22.07 3.33 30.96
N ASN A 649 23.12 2.84 31.62
CA ASN A 649 23.14 2.73 33.06
C ASN A 649 23.17 4.12 33.70
N LYS A 650 23.07 4.13 35.03
CA LYS A 650 23.02 5.29 35.91
C LYS A 650 21.67 6.00 35.83
N THR A 651 20.77 5.58 34.96
CA THR A 651 19.44 6.18 34.90
C THR A 651 18.53 5.55 35.96
N LYS A 652 17.41 6.21 36.21
CA LYS A 652 16.46 5.80 37.22
C LYS A 652 15.25 5.14 36.56
N LEU A 653 14.94 3.91 36.98
CA LEU A 653 13.79 3.17 36.49
C LEU A 653 12.86 2.88 37.66
N GLU A 654 11.59 3.24 37.52
CA GLU A 654 10.62 3.01 38.59
C GLU A 654 10.35 1.53 38.76
N LYS A 655 10.00 1.15 40.00
CA LYS A 655 9.71 -0.25 40.29
C LYS A 655 8.35 -0.63 39.72
N PHE A 656 8.31 -1.69 38.93
CA PHE A 656 7.10 -2.13 38.26
C PHE A 656 6.46 -3.27 39.03
N LYS A 657 5.18 -3.12 39.36
CA LYS A 657 4.41 -4.14 40.05
C LYS A 657 3.45 -4.80 39.09
N PRO A 658 3.39 -6.13 39.05
CA PRO A 658 2.48 -6.80 38.12
C PRO A 658 1.03 -6.41 38.38
N ILE A 659 0.28 -6.26 37.30
CA ILE A 659 -1.14 -5.92 37.38
C ILE A 659 -1.92 -7.22 37.46
N LYS A 660 -2.69 -7.39 38.54
CA LYS A 660 -3.42 -8.62 38.79
C LYS A 660 -4.90 -8.50 38.49
N THR A 661 -5.33 -7.43 37.83
CA THR A 661 -6.74 -7.27 37.50
C THR A 661 -7.16 -8.31 36.46
N LYS A 662 -8.37 -8.84 36.64
CA LYS A 662 -8.88 -9.85 35.72
C LYS A 662 -9.27 -9.20 34.40
N PHE A 663 -9.29 -10.01 33.34
CA PHE A 663 -9.58 -9.54 32.00
C PHE A 663 -11.09 -9.34 31.83
N THR A 664 -11.49 -9.06 30.59
CA THR A 664 -12.88 -8.88 30.22
C THR A 664 -13.15 -9.69 28.96
N VAL A 665 -14.43 -9.90 28.66
CA VAL A 665 -14.81 -10.71 27.50
C VAL A 665 -14.21 -10.13 26.22
N LYS A 666 -14.24 -8.80 26.07
CA LYS A 666 -13.61 -8.16 24.93
C LYS A 666 -12.10 -8.39 24.94
N GLN A 667 -11.47 -8.23 26.11
CA GLN A 667 -10.04 -8.48 26.21
C GLN A 667 -9.71 -9.95 25.96
N TYR A 668 -10.56 -10.85 26.45
CA TYR A 668 -10.35 -12.28 26.18
C TYR A 668 -10.46 -12.58 24.69
N TYR A 669 -11.41 -11.92 24.01
CA TYR A 669 -11.54 -12.11 22.56
C TYR A 669 -10.30 -11.60 21.83
N ILE A 670 -9.78 -10.44 22.23
CA ILE A 670 -8.58 -9.90 21.62
C ILE A 670 -7.40 -10.85 21.83
N ILE A 671 -7.25 -11.36 23.06
CA ILE A 671 -6.15 -12.26 23.37
C ILE A 671 -6.29 -13.55 22.57
N THR A 672 -7.50 -14.09 22.47
CA THR A 672 -7.72 -15.31 21.70
C THR A 672 -7.37 -15.11 20.22
N VAL A 673 -7.79 -13.98 19.65
CA VAL A 673 -7.48 -13.72 18.24
C VAL A 673 -5.98 -13.59 18.05
N THR A 674 -5.30 -12.85 18.93
CA THR A 674 -3.85 -12.69 18.81
C THR A 674 -3.13 -14.01 18.94
N VAL A 675 -3.52 -14.85 19.91
CA VAL A 675 -2.87 -16.12 20.12
C VAL A 675 -3.12 -17.06 18.94
N ALA A 676 -4.35 -17.05 18.40
CA ALA A 676 -4.64 -17.88 17.24
C ALA A 676 -3.82 -17.44 16.03
N THR A 677 -3.68 -16.13 15.82
CA THR A 677 -2.86 -15.65 14.71
C THR A 677 -1.40 -16.06 14.88
N ILE A 678 -0.87 -15.92 16.10
CA ILE A 678 0.52 -16.30 16.34
C ILE A 678 0.71 -17.80 16.13
N LEU A 679 -0.22 -18.61 16.63
CA LEU A 679 -0.12 -20.06 16.46
C LEU A 679 -0.20 -20.45 15.00
N LEU A 680 -1.08 -19.81 14.24
CA LEU A 680 -1.18 -20.09 12.81
C LEU A 680 0.11 -19.68 12.09
N TRP A 681 0.73 -18.58 12.52
CA TRP A 681 2.02 -18.19 11.96
C TRP A 681 3.08 -19.24 12.26
N CYS A 682 3.04 -19.84 13.46
CA CYS A 682 4.05 -20.82 13.84
C CYS A 682 3.93 -22.10 13.03
N VAL A 683 2.71 -22.49 12.64
CA VAL A 683 2.49 -23.75 11.94
C VAL A 683 2.15 -23.47 10.48
N GLU A 684 2.67 -22.35 9.96
CA GLU A 684 2.35 -21.94 8.59
C GLU A 684 2.73 -23.01 7.57
N SER A 685 3.83 -23.72 7.81
CA SER A 685 4.27 -24.74 6.86
C SER A 685 3.27 -25.89 6.76
N GLN A 686 2.48 -26.12 7.81
CA GLN A 686 1.52 -27.22 7.80
C GLN A 686 0.20 -26.86 7.15
N ILE A 687 -0.13 -25.57 7.04
CA ILE A 687 -1.40 -25.13 6.47
C ILE A 687 -1.22 -24.43 5.13
N GLU A 688 -0.04 -24.53 4.53
CA GLU A 688 0.22 -23.88 3.25
C GLU A 688 -0.70 -24.40 2.15
N GLY A 689 -1.24 -25.61 2.30
CA GLY A 689 -2.18 -26.13 1.32
C GLY A 689 -3.57 -25.55 1.42
N ALA A 690 -3.87 -24.81 2.49
CA ALA A 690 -5.16 -24.17 2.67
C ALA A 690 -5.06 -22.65 2.67
N PHE A 691 -4.22 -22.08 3.53
CA PHE A 691 -4.11 -20.63 3.64
C PHE A 691 -3.06 -20.04 2.72
N GLY A 692 -2.27 -20.86 2.03
CA GLY A 692 -1.29 -20.35 1.09
C GLY A 692 0.01 -19.92 1.75
N SER A 693 -0.01 -18.78 2.44
CA SER A 693 1.18 -18.24 3.08
C SER A 693 0.75 -17.38 4.25
N SER A 694 1.74 -16.84 4.97
CA SER A 694 1.47 -15.99 6.11
C SER A 694 0.81 -14.66 5.73
N GLY A 695 0.83 -14.29 4.44
CA GLY A 695 0.18 -13.07 4.03
C GLY A 695 -1.33 -13.13 4.19
N GLN A 696 -1.94 -14.26 3.82
CA GLN A 696 -3.38 -14.39 3.96
C GLN A 696 -3.78 -14.59 5.42
N ILE A 697 -2.96 -15.32 6.18
CA ILE A 697 -3.22 -15.47 7.61
C ILE A 697 -3.14 -14.14 8.33
N ALA A 698 -2.39 -13.18 7.77
CA ALA A 698 -2.31 -11.84 8.34
C ALA A 698 -3.60 -11.06 8.18
N ILE A 699 -4.54 -11.56 7.38
CA ILE A 699 -5.80 -10.85 7.16
C ILE A 699 -6.78 -11.06 8.32
N ILE A 700 -6.74 -12.24 8.95
CA ILE A 700 -7.68 -12.52 10.04
C ILE A 700 -7.56 -11.51 11.18
N PRO A 701 -6.37 -11.19 11.70
CA PRO A 701 -6.30 -10.12 12.72
C PRO A 701 -6.72 -8.76 12.20
N ILE A 702 -6.68 -8.53 10.89
CA ILE A 702 -7.12 -7.25 10.33
C ILE A 702 -8.64 -7.19 10.26
N VAL A 703 -9.26 -8.22 9.67
CA VAL A 703 -10.71 -8.21 9.52
C VAL A 703 -11.40 -8.33 10.87
N LEU A 704 -10.90 -9.21 11.75
CA LEU A 704 -11.57 -9.45 13.02
C LEU A 704 -11.44 -8.27 13.98
N PHE A 705 -10.49 -7.36 13.76
CA PHE A 705 -10.28 -6.22 14.64
C PHE A 705 -10.79 -4.91 14.06
N PHE A 706 -10.71 -4.72 12.75
CA PHE A 706 -11.25 -3.53 12.11
C PHE A 706 -12.72 -3.69 11.73
N GLY A 707 -13.09 -4.87 11.22
CA GLY A 707 -14.47 -5.09 10.85
C GLY A 707 -15.41 -5.09 12.04
N THR A 708 -14.99 -5.70 13.15
CA THR A 708 -15.82 -5.77 14.34
C THR A 708 -15.96 -4.42 15.04
N GLY A 709 -15.20 -3.41 14.64
CA GLY A 709 -15.31 -2.09 15.22
C GLY A 709 -14.35 -1.78 16.35
N LEU A 710 -13.46 -2.73 16.70
CA LEU A 710 -12.50 -2.46 17.76
C LEU A 710 -11.56 -1.33 17.38
N LEU A 711 -11.11 -1.30 16.13
CA LEU A 711 -10.22 -0.27 15.62
C LEU A 711 -10.95 0.55 14.56
N SER A 712 -10.98 1.86 14.76
CA SER A 712 -11.64 2.75 13.82
C SER A 712 -10.80 2.92 12.55
N THR A 713 -11.44 3.46 11.51
CA THR A 713 -10.73 3.73 10.27
C THR A 713 -9.71 4.85 10.43
N GLN A 714 -9.82 5.66 11.49
CA GLN A 714 -8.82 6.68 11.77
C GLN A 714 -7.51 6.04 12.19
N ASP A 715 -7.57 4.92 12.91
CA ASP A 715 -6.36 4.23 13.33
C ASP A 715 -5.61 3.66 12.13
N LEU A 716 -6.34 3.22 11.10
CA LEU A 716 -5.69 2.75 9.88
C LEU A 716 -4.92 3.88 9.21
N ASN A 717 -5.48 5.08 9.19
CA ASN A 717 -4.76 6.25 8.69
C ASN A 717 -3.65 6.70 9.62
N ALA A 718 -3.61 6.19 10.85
CA ALA A 718 -2.55 6.52 11.80
C ALA A 718 -1.41 5.52 11.79
N PHE A 719 -1.46 4.52 10.92
CA PHE A 719 -0.37 3.56 10.83
C PHE A 719 0.90 4.24 10.30
N PRO A 720 2.07 3.79 10.74
CA PRO A 720 3.31 4.32 10.18
C PRO A 720 3.55 3.82 8.77
N TRP A 721 2.89 4.44 7.80
CA TRP A 721 2.94 3.96 6.42
C TRP A 721 4.29 4.20 5.75
N SER A 722 5.18 4.99 6.38
CA SER A 722 6.52 5.16 5.83
C SER A 722 7.32 3.86 5.93
N ILE A 723 7.11 3.10 7.00
CA ILE A 723 7.74 1.80 7.14
C ILE A 723 7.33 0.89 5.98
N VAL A 724 6.05 0.92 5.62
CA VAL A 724 5.56 0.12 4.51
C VAL A 724 6.27 0.49 3.23
N ILE A 725 6.38 1.79 2.95
CA ILE A 725 7.02 2.24 1.71
C ILE A 725 8.49 1.85 1.69
N LEU A 726 9.18 1.98 2.83
CA LEU A 726 10.58 1.57 2.90
C LEU A 726 10.74 0.08 2.60
N ALA A 727 9.84 -0.75 3.15
CA ALA A 727 9.88 -2.17 2.86
C ALA A 727 9.61 -2.44 1.38
N MET A 728 8.68 -1.70 0.78
CA MET A 728 8.42 -1.83 -0.66
C MET A 728 9.68 -1.52 -1.46
N GLY A 729 10.38 -0.45 -1.09
CA GLY A 729 11.61 -0.10 -1.80
C GLY A 729 12.68 -1.17 -1.67
N GLY A 730 12.83 -1.72 -0.47
CA GLY A 730 13.78 -2.82 -0.29
C GLY A 730 13.44 -4.03 -1.14
N ILE A 731 12.15 -4.40 -1.18
CA ILE A 731 11.72 -5.54 -1.99
C ILE A 731 11.97 -5.26 -3.47
N ALA A 732 11.68 -4.05 -3.92
CA ALA A 732 11.88 -3.72 -5.33
C ALA A 732 13.36 -3.77 -5.70
N LEU A 733 14.23 -3.24 -4.84
CA LEU A 733 15.67 -3.32 -5.11
C LEU A 733 16.14 -4.77 -5.14
N GLY A 734 15.66 -5.59 -4.20
CA GLY A 734 16.02 -7.00 -4.23
C GLY A 734 15.56 -7.69 -5.49
N LYS A 735 14.34 -7.38 -5.96
CA LYS A 735 13.85 -7.95 -7.20
C LYS A 735 14.71 -7.53 -8.39
N ALA A 736 15.09 -6.25 -8.44
CA ALA A 736 15.95 -5.78 -9.52
C ALA A 736 17.29 -6.52 -9.51
N VAL A 737 17.90 -6.66 -8.33
CA VAL A 737 19.19 -7.34 -8.23
C VAL A 737 19.06 -8.80 -8.65
N SER A 738 18.01 -9.47 -8.19
CA SER A 738 17.84 -10.89 -8.50
C SER A 738 17.59 -11.11 -9.99
N SER A 739 16.75 -10.27 -10.61
CA SER A 739 16.40 -10.48 -12.01
C SER A 739 17.52 -10.05 -12.95
N SER A 740 18.25 -9.00 -12.61
CA SER A 740 19.30 -8.51 -13.50
C SER A 740 20.42 -9.53 -13.67
N GLY A 741 20.84 -10.17 -12.59
CA GLY A 741 21.94 -11.10 -12.61
C GLY A 741 23.24 -10.59 -12.05
N LEU A 742 23.22 -9.45 -11.36
CA LEU A 742 24.45 -8.91 -10.77
C LEU A 742 25.01 -9.85 -9.72
N LEU A 743 24.17 -10.26 -8.76
CA LEU A 743 24.62 -11.14 -7.69
C LEU A 743 25.07 -12.48 -8.23
N SER A 744 24.37 -13.00 -9.24
CA SER A 744 24.77 -14.27 -9.84
C SER A 744 26.17 -14.17 -10.45
N THR A 745 26.44 -13.08 -11.16
CA THR A 745 27.76 -12.90 -11.77
C THR A 745 28.85 -12.76 -10.70
N ILE A 746 28.59 -11.96 -9.66
CA ILE A 746 29.58 -11.77 -8.60
C ILE A 746 29.86 -13.09 -7.89
N ALA A 747 28.81 -13.83 -7.56
CA ALA A 747 28.99 -15.10 -6.85
C ALA A 747 29.63 -16.15 -7.73
N LYS A 748 29.37 -16.13 -9.04
CA LYS A 748 30.06 -17.06 -9.93
C LYS A 748 31.54 -16.73 -10.03
N ALA A 749 31.88 -15.43 -10.07
CA ALA A 749 33.29 -15.05 -10.04
C ALA A 749 33.96 -15.51 -8.76
N LEU A 750 33.29 -15.33 -7.62
CA LEU A 750 33.86 -15.81 -6.36
C LEU A 750 33.99 -17.33 -6.35
N GLN A 751 33.00 -18.03 -6.90
CA GLN A 751 33.06 -19.49 -6.97
C GLN A 751 34.25 -19.94 -7.80
N LYS A 752 34.51 -19.27 -8.91
CA LYS A 752 35.71 -19.56 -9.70
C LYS A 752 36.97 -19.24 -8.90
N LYS A 753 36.93 -18.18 -8.08
CA LYS A 753 38.09 -17.81 -7.28
C LYS A 753 38.46 -18.90 -6.28
N ILE A 754 37.55 -19.20 -5.36
CA ILE A 754 37.81 -20.16 -4.28
C ILE A 754 37.07 -21.44 -4.63
N GLU A 755 37.79 -22.42 -5.15
CA GLU A 755 37.23 -23.72 -5.49
C GLU A 755 37.97 -24.87 -4.83
N ASN A 756 39.29 -24.82 -4.76
CA ASN A 756 40.09 -25.87 -4.16
C ASN A 756 40.49 -25.57 -2.72
N ASP A 757 40.05 -24.44 -2.18
CA ASP A 757 40.41 -24.08 -0.81
C ASP A 757 39.63 -24.94 0.19
N GLY A 758 40.06 -24.86 1.45
CA GLY A 758 39.41 -25.63 2.50
C GLY A 758 38.01 -25.14 2.79
N VAL A 759 37.28 -25.95 3.55
CA VAL A 759 35.89 -25.64 3.86
C VAL A 759 35.80 -24.35 4.66
N PHE A 760 36.69 -24.16 5.64
CA PHE A 760 36.64 -22.96 6.46
C PHE A 760 36.90 -21.70 5.64
N ALA A 761 37.88 -21.76 4.72
CA ALA A 761 38.19 -20.59 3.91
C ALA A 761 37.01 -20.20 3.01
N ILE A 762 36.40 -21.19 2.35
CA ILE A 762 35.25 -20.91 1.51
C ILE A 762 34.10 -20.35 2.33
N LEU A 763 33.85 -20.95 3.50
CA LEU A 763 32.77 -20.48 4.36
C LEU A 763 33.00 -19.04 4.79
N CYS A 764 34.22 -18.72 5.22
CA CYS A 764 34.50 -17.36 5.68
C CYS A 764 34.39 -16.35 4.55
N ILE A 765 34.92 -16.68 3.36
CA ILE A 765 34.88 -15.73 2.26
C ILE A 765 33.46 -15.50 1.78
N PHE A 766 32.68 -16.58 1.65
CA PHE A 766 31.28 -16.43 1.23
C PHE A 766 30.46 -15.71 2.30
N GLY A 767 30.79 -15.92 3.58
CA GLY A 767 30.10 -15.17 4.63
C GLY A 767 30.43 -13.69 4.58
N ILE A 768 31.68 -13.35 4.27
CA ILE A 768 32.04 -11.94 4.09
C ILE A 768 31.27 -11.36 2.91
N LEU A 769 31.18 -12.12 1.81
CA LEU A 769 30.43 -11.66 0.64
C LEU A 769 28.97 -11.41 0.99
N MET A 770 28.36 -12.33 1.75
CA MET A 770 26.96 -12.17 2.13
C MET A 770 26.78 -11.02 3.13
N LEU A 771 27.75 -10.81 4.01
CA LEU A 771 27.68 -9.70 4.96
C LEU A 771 27.72 -8.37 4.22
N VAL A 772 28.59 -8.26 3.21
CA VAL A 772 28.66 -7.02 2.44
C VAL A 772 27.41 -6.85 1.59
N VAL A 773 27.01 -7.90 0.88
CA VAL A 773 25.85 -7.81 -0.01
C VAL A 773 24.56 -7.72 0.79
N GLY A 774 24.41 -8.54 1.83
CA GLY A 774 23.19 -8.56 2.61
C GLY A 774 22.91 -7.27 3.34
N THR A 775 23.93 -6.43 3.55
CA THR A 775 23.70 -5.13 4.17
C THR A 775 22.84 -4.25 3.29
N PHE A 776 23.06 -4.29 1.98
CA PHE A 776 22.31 -3.48 1.02
C PHE A 776 21.18 -4.25 0.35
N VAL A 777 21.47 -5.42 -0.19
CA VAL A 777 20.45 -6.26 -0.81
C VAL A 777 19.78 -7.12 0.26
N SER A 778 18.51 -7.46 0.03
CA SER A 778 17.76 -8.24 1.00
C SER A 778 18.41 -9.60 1.22
N HIS A 779 18.30 -10.08 2.46
CA HIS A 779 18.96 -11.34 2.82
C HIS A 779 18.38 -12.51 2.05
N THR A 780 17.07 -12.53 1.84
CA THR A 780 16.43 -13.66 1.17
C THR A 780 16.91 -13.81 -0.27
N VAL A 781 17.05 -12.69 -0.99
CA VAL A 781 17.51 -12.76 -2.38
C VAL A 781 18.94 -13.29 -2.44
N SER A 782 19.81 -12.78 -1.56
CA SER A 782 21.19 -13.24 -1.53
C SER A 782 21.27 -14.72 -1.21
N ALA A 783 20.47 -15.18 -0.24
CA ALA A 783 20.48 -16.60 0.12
C ALA A 783 19.99 -17.45 -1.05
N ILE A 784 18.91 -17.03 -1.71
CA ILE A 784 18.37 -17.78 -2.83
C ILE A 784 19.42 -17.90 -3.93
N ILE A 785 20.12 -16.80 -4.23
CA ILE A 785 21.11 -16.83 -5.30
C ILE A 785 22.33 -17.67 -4.91
N ILE A 786 22.75 -17.59 -3.65
CA ILE A 786 24.06 -18.10 -3.27
C ILE A 786 24.02 -19.57 -2.85
N ILE A 787 22.97 -20.00 -2.13
CA ILE A 787 22.97 -21.35 -1.55
C ILE A 787 23.21 -22.45 -2.59
N PRO A 788 22.57 -22.45 -3.77
CA PRO A 788 22.90 -23.50 -4.75
C PRO A 788 24.36 -23.51 -5.17
N LEU A 789 25.00 -22.34 -5.26
CA LEU A 789 26.38 -22.29 -5.71
C LEU A 789 27.33 -22.89 -4.67
N VAL A 790 27.14 -22.54 -3.40
CA VAL A 790 27.99 -23.13 -2.37
C VAL A 790 27.68 -24.62 -2.21
N GLN A 791 26.43 -25.02 -2.46
CA GLN A 791 26.12 -26.45 -2.47
C GLN A 791 26.88 -27.17 -3.57
N GLU A 792 26.96 -26.55 -4.76
CA GLU A 792 27.71 -27.14 -5.85
C GLU A 792 29.21 -27.20 -5.50
N VAL A 793 29.72 -26.16 -4.85
CA VAL A 793 31.12 -26.16 -4.41
C VAL A 793 31.37 -27.31 -3.45
N GLY A 794 30.47 -27.49 -2.48
CA GLY A 794 30.62 -28.59 -1.54
C GLY A 794 30.55 -29.94 -2.22
N ASP A 795 29.68 -30.07 -3.23
CA ASP A 795 29.61 -31.31 -3.99
C ASP A 795 30.92 -31.59 -4.72
N LYS A 796 31.53 -30.55 -5.29
CA LYS A 796 32.83 -30.73 -5.95
C LYS A 796 33.90 -31.12 -4.95
N LEU A 797 33.87 -30.55 -3.75
CA LEU A 797 34.88 -30.86 -2.75
C LEU A 797 34.81 -32.32 -2.32
N GLY A 798 35.97 -32.90 -2.04
CA GLY A 798 36.03 -34.30 -1.67
C GLY A 798 35.62 -34.62 -0.25
N ASN A 799 35.43 -33.61 0.59
CA ASN A 799 35.00 -33.84 1.96
C ASN A 799 33.53 -34.28 1.98
N PRO A 800 33.21 -35.40 2.62
CA PRO A 800 31.80 -35.85 2.65
C PRO A 800 30.87 -34.88 3.36
N LYS A 801 31.39 -34.06 4.26
CA LYS A 801 30.58 -33.09 5.01
C LYS A 801 30.69 -31.68 4.46
N ALA A 802 31.31 -31.52 3.28
CA ALA A 802 31.54 -30.17 2.75
C ALA A 802 30.23 -29.47 2.40
N ALA A 803 29.36 -30.14 1.65
CA ALA A 803 28.13 -29.49 1.21
C ALA A 803 27.21 -29.12 2.35
N PRO A 804 26.87 -30.01 3.30
CA PRO A 804 25.97 -29.58 4.39
C PRO A 804 26.56 -28.47 5.24
N ILE A 805 27.85 -28.54 5.55
CA ILE A 805 28.48 -27.51 6.37
C ILE A 805 28.44 -26.17 5.65
N LEU A 806 28.78 -26.17 4.36
CA LEU A 806 28.80 -24.93 3.59
C LEU A 806 27.40 -24.33 3.50
N VAL A 807 26.40 -25.17 3.21
CA VAL A 807 25.03 -24.66 3.07
C VAL A 807 24.54 -24.09 4.41
N PHE A 808 24.78 -24.82 5.50
CA PHE A 808 24.33 -24.37 6.81
C PHE A 808 25.01 -23.08 7.22
N GLY A 809 26.32 -22.98 7.00
CA GLY A 809 27.04 -21.76 7.35
C GLY A 809 26.59 -20.58 6.53
N CYS A 810 26.39 -20.77 5.22
CA CYS A 810 25.91 -19.68 4.38
C CYS A 810 24.51 -19.24 4.80
N ALA A 811 23.64 -20.19 5.15
CA ALA A 811 22.31 -19.84 5.61
C ALA A 811 22.36 -19.03 6.90
N LEU A 812 23.21 -19.45 7.84
CA LEU A 812 23.32 -18.70 9.10
C LEU A 812 23.90 -17.33 8.87
N LEU A 813 24.88 -17.20 7.98
CA LEU A 813 25.55 -15.92 7.75
C LEU A 813 24.75 -14.99 6.85
N SER A 814 23.73 -15.49 6.15
CA SER A 814 22.91 -14.63 5.31
C SER A 814 22.15 -13.58 6.11
N SER A 815 21.95 -13.81 7.41
CA SER A 815 21.23 -12.87 8.26
C SER A 815 22.14 -11.96 9.06
N CYS A 816 23.42 -11.89 8.69
CA CYS A 816 24.38 -11.06 9.40
C CYS A 816 24.45 -9.63 8.87
N GLY A 817 23.65 -9.29 7.87
CA GLY A 817 23.65 -7.94 7.34
C GLY A 817 22.74 -7.01 8.12
N MET A 818 23.33 -6.20 8.99
CA MET A 818 22.56 -5.33 9.88
C MET A 818 23.07 -3.90 9.93
N GLY A 819 24.09 -3.55 9.14
CA GLY A 819 24.64 -2.21 9.19
C GLY A 819 23.66 -1.16 8.71
N LEU A 820 22.99 -1.42 7.60
CA LEU A 820 22.07 -0.44 7.03
C LEU A 820 20.77 -0.38 7.84
N ALA A 821 20.25 0.83 7.98
CA ALA A 821 19.00 1.06 8.70
C ALA A 821 17.78 0.99 7.79
N SER A 822 17.97 0.66 6.51
CA SER A 822 16.86 0.57 5.56
C SER A 822 16.68 -0.82 4.99
N SER A 823 17.56 -1.76 5.28
CA SER A 823 17.45 -3.14 4.82
C SER A 823 17.01 -4.03 5.98
N GLY A 824 15.96 -4.82 5.75
CA GLY A 824 15.43 -5.68 6.79
C GLY A 824 14.30 -5.01 7.54
N PHE A 825 13.23 -5.76 7.80
CA PHE A 825 12.08 -5.20 8.50
C PHE A 825 12.40 -4.68 9.90
N PRO A 826 13.18 -5.37 10.74
CA PRO A 826 13.49 -4.79 12.06
C PRO A 826 14.20 -3.45 11.98
N ASN A 827 15.16 -3.30 11.07
CA ASN A 827 15.87 -2.04 10.94
C ASN A 827 14.96 -0.94 10.42
N VAL A 828 14.07 -1.28 9.48
CA VAL A 828 13.12 -0.31 8.96
C VAL A 828 12.18 0.16 10.06
N THR A 829 11.70 -0.78 10.87
CA THR A 829 10.80 -0.42 11.97
C THR A 829 11.51 0.43 13.02
N ALA A 830 12.77 0.10 13.33
CA ALA A 830 13.48 0.83 14.37
C ALA A 830 13.82 2.25 13.92
N ILE A 831 14.29 2.41 12.68
CA ILE A 831 14.70 3.73 12.20
C ILE A 831 13.52 4.66 11.98
N SER A 832 12.30 4.13 11.93
CA SER A 832 11.10 4.93 11.72
C SER A 832 10.20 4.90 12.96
N LYS A 833 10.79 4.91 14.14
CA LYS A 833 10.07 4.98 15.40
C LYS A 833 10.30 6.35 16.01
N VAL A 834 9.22 7.07 16.28
CA VAL A 834 9.30 8.46 16.71
C VAL A 834 8.87 8.57 18.16
N ASP A 835 9.34 9.62 18.81
CA ASP A 835 8.98 9.93 20.19
C ASP A 835 7.56 10.50 20.22
N ARG A 836 7.07 10.80 21.44
CA ARG A 836 5.76 11.42 21.57
C ARG A 836 5.72 12.82 20.96
N LYS A 837 6.87 13.47 20.82
CA LYS A 837 6.96 14.78 20.19
C LYS A 837 7.31 14.70 18.71
N GLY A 838 7.40 13.50 18.15
CA GLY A 838 7.73 13.33 16.75
C GLY A 838 9.20 13.18 16.44
N ASP A 839 10.08 13.32 17.43
CA ASP A 839 11.51 13.17 17.20
C ASP A 839 11.87 11.70 17.07
N ARG A 840 12.61 11.36 16.00
CA ARG A 840 13.03 9.98 15.80
C ARG A 840 14.05 9.58 16.86
N TYR A 841 13.92 8.33 17.33
CA TYR A 841 14.83 7.83 18.36
C TYR A 841 16.23 7.63 17.80
N LEU A 842 16.35 6.79 16.77
CA LEU A 842 17.64 6.44 16.20
C LEU A 842 17.88 7.16 14.88
N SER A 843 19.14 7.23 14.49
CA SER A 843 19.55 7.83 13.23
C SER A 843 20.38 6.81 12.45
N VAL A 844 20.54 7.08 11.15
CA VAL A 844 21.30 6.17 10.29
C VAL A 844 22.75 6.08 10.77
N MET A 845 23.31 7.19 11.24
CA MET A 845 24.67 7.19 11.74
C MET A 845 24.81 6.28 12.96
N THR A 846 23.83 6.32 13.87
CA THR A 846 23.87 5.45 15.04
C THR A 846 23.74 3.99 14.63
N PHE A 847 22.87 3.70 13.66
CA PHE A 847 22.73 2.33 13.17
C PHE A 847 24.04 1.83 12.56
N LEU A 848 24.73 2.68 11.79
CA LEU A 848 26.00 2.26 11.22
C LEU A 848 27.08 2.12 12.29
N THR A 849 27.04 2.97 13.32
CA THR A 849 28.07 2.94 14.34
C THR A 849 27.96 1.71 15.23
N ARG A 850 26.74 1.33 15.61
CA ARG A 850 26.53 0.22 16.53
C ARG A 850 25.94 -1.02 15.88
N GLY A 851 25.82 -1.06 14.55
CA GLY A 851 25.30 -2.23 13.88
C GLY A 851 26.34 -2.92 13.04
N VAL A 852 27.26 -2.15 12.46
CA VAL A 852 28.39 -2.75 11.76
C VAL A 852 29.25 -3.60 12.69
N PRO A 853 29.63 -3.14 13.88
CA PRO A 853 30.27 -4.07 14.84
C PRO A 853 29.37 -5.23 15.21
N ALA A 854 28.06 -4.98 15.32
CA ALA A 854 27.13 -6.07 15.63
C ALA A 854 27.05 -7.06 14.48
N SER A 855 27.19 -6.60 13.24
CA SER A 855 27.25 -7.50 12.11
C SER A 855 28.49 -8.38 12.16
N ILE A 856 29.63 -7.82 12.59
CA ILE A 856 30.85 -8.58 12.70
C ILE A 856 30.74 -9.63 13.81
N LEU A 857 30.13 -9.26 14.94
CA LEU A 857 30.03 -10.18 16.07
C LEU A 857 29.19 -11.41 15.71
N ALA A 858 28.07 -11.21 15.01
CA ALA A 858 27.27 -12.34 14.56
C ALA A 858 28.02 -13.18 13.54
N PHE A 859 28.88 -12.55 12.72
CA PHE A 859 29.69 -13.30 11.77
C PHE A 859 30.68 -14.20 12.50
N LEU A 860 31.32 -13.69 13.55
CA LEU A 860 32.32 -14.47 14.27
C LEU A 860 31.68 -15.62 15.04
N CYS A 861 30.57 -15.36 15.73
CA CYS A 861 29.92 -16.41 16.52
C CYS A 861 29.48 -17.58 15.65
N VAL A 862 29.13 -17.32 14.40
CA VAL A 862 28.74 -18.40 13.50
C VAL A 862 29.95 -19.24 13.11
N ILE A 863 31.10 -18.59 12.88
CA ILE A 863 32.26 -19.29 12.35
C ILE A 863 33.19 -19.82 13.43
N THR A 864 32.92 -19.54 14.70
CA THR A 864 33.71 -20.11 15.80
C THR A 864 32.88 -21.06 16.65
N LEU A 865 31.75 -20.60 17.19
CA LEU A 865 30.89 -21.49 17.96
C LEU A 865 29.97 -22.30 17.06
N GLY A 866 29.35 -21.63 16.09
CA GLY A 866 28.47 -22.34 15.18
C GLY A 866 29.19 -23.40 14.37
N TYR A 867 30.35 -23.04 13.80
CA TYR A 867 31.14 -24.02 13.05
C TYR A 867 31.69 -25.10 13.96
N GLY A 868 32.06 -24.73 15.20
CA GLY A 868 32.55 -25.74 16.14
C GLY A 868 31.51 -26.79 16.45
N ILE A 869 30.26 -26.36 16.69
CA ILE A 869 29.18 -27.31 16.93
C ILE A 869 28.86 -28.08 15.65
N MET A 870 28.92 -27.40 14.50
CA MET A 870 28.60 -28.02 13.22
C MET A 870 29.57 -29.16 12.89
N ALA A 871 30.84 -28.99 13.24
CA ALA A 871 31.84 -30.00 12.91
C ALA A 871 31.51 -31.35 13.53
N SER A 872 30.81 -31.36 14.66
CA SER A 872 30.42 -32.59 15.33
C SER A 872 28.98 -33.00 15.03
N VAL A 873 28.05 -32.04 14.97
CA VAL A 873 26.65 -32.38 14.74
C VAL A 873 26.45 -32.90 13.33
N VAL A 874 27.04 -32.25 12.33
CA VAL A 874 26.84 -32.65 10.95
C VAL A 874 27.60 -33.93 10.67
N LYS A 875 26.91 -34.92 10.09
CA LYS A 875 27.52 -36.17 9.69
C LYS A 875 27.52 -36.40 8.18
N GLY A 876 26.63 -35.73 7.45
CA GLY A 876 26.60 -35.90 6.01
C GLY A 876 26.19 -37.31 5.63
N ASN A 877 26.81 -37.82 4.56
CA ASN A 877 26.56 -39.17 4.05
C ASN A 877 25.09 -39.38 3.73
N GLY B 378 -11.18 1.48 23.19
CA GLY B 378 -11.64 2.35 24.26
C GLY B 378 -12.21 1.61 25.44
N LYS B 379 -13.54 1.61 25.54
CA LYS B 379 -14.21 0.92 26.64
C LYS B 379 -14.00 -0.58 26.54
N LEU B 380 -13.76 -1.21 27.69
CA LEU B 380 -13.43 -2.63 27.75
C LEU B 380 -14.63 -3.53 27.94
N ASP B 381 -15.81 -2.98 28.20
CA ASP B 381 -16.98 -3.76 28.59
C ASP B 381 -17.97 -3.87 27.44
N LEU B 382 -18.73 -4.97 27.44
CA LEU B 382 -19.77 -5.22 26.46
C LEU B 382 -21.12 -5.30 27.17
N GLU B 383 -22.18 -4.98 26.43
CA GLU B 383 -23.54 -5.00 26.94
C GLU B 383 -24.24 -6.28 26.49
N TYR B 384 -24.87 -6.98 27.44
CA TYR B 384 -25.54 -8.24 27.18
C TYR B 384 -27.04 -8.07 27.34
N TYR B 385 -27.76 -9.17 27.05
CA TYR B 385 -29.21 -9.19 27.18
C TYR B 385 -29.65 -10.10 28.32
N ALA B 404 -27.45 -13.13 28.63
CA ALA B 404 -26.31 -14.03 28.52
C ALA B 404 -25.56 -13.82 27.21
N LEU B 405 -26.28 -13.33 26.19
CA LEU B 405 -25.69 -13.07 24.88
C LEU B 405 -25.40 -11.58 24.71
N PRO B 406 -24.31 -11.23 24.02
CA PRO B 406 -23.99 -9.81 23.82
C PRO B 406 -25.02 -9.12 22.93
N LYS B 407 -25.17 -7.81 23.16
CA LYS B 407 -26.13 -7.02 22.39
C LYS B 407 -25.70 -6.90 20.92
N LEU B 408 -24.39 -6.99 20.66
CA LEU B 408 -23.90 -6.81 19.30
C LEU B 408 -24.31 -7.95 18.38
N PHE B 409 -24.77 -9.09 18.93
CA PHE B 409 -25.16 -10.20 18.09
C PHE B 409 -26.49 -9.96 17.38
N PHE B 410 -27.33 -9.06 17.89
CA PHE B 410 -28.62 -8.74 17.29
C PHE B 410 -28.63 -7.25 16.98
N THR B 411 -28.14 -6.89 15.80
CA THR B 411 -28.14 -5.50 15.34
C THR B 411 -28.20 -5.51 13.82
N LYS B 412 -28.27 -4.31 13.23
CA LYS B 412 -28.37 -4.21 11.77
C LYS B 412 -27.14 -4.80 11.10
N LYS B 413 -25.94 -4.47 11.61
CA LYS B 413 -24.71 -5.00 11.04
C LYS B 413 -24.65 -6.51 11.18
N ALA B 414 -25.02 -7.03 12.35
CA ALA B 414 -25.04 -8.48 12.56
C ALA B 414 -26.03 -9.16 11.64
N TYR B 415 -27.20 -8.54 11.44
CA TYR B 415 -28.20 -9.11 10.54
C TYR B 415 -27.68 -9.14 9.10
N LYS B 416 -27.02 -8.07 8.67
CA LYS B 416 -26.43 -8.06 7.33
C LYS B 416 -25.38 -9.14 7.18
N ILE B 417 -24.53 -9.32 8.21
CA ILE B 417 -23.51 -10.36 8.15
C ILE B 417 -24.15 -11.74 8.08
N TYR B 418 -25.19 -11.97 8.88
CA TYR B 418 -25.89 -13.26 8.86
C TYR B 418 -26.48 -13.53 7.47
N PHE B 419 -27.13 -12.52 6.89
CA PHE B 419 -27.72 -12.71 5.56
C PHE B 419 -26.67 -13.00 4.51
N ILE B 420 -25.55 -12.27 4.55
CA ILE B 420 -24.48 -12.49 3.58
C ILE B 420 -23.90 -13.89 3.73
N ILE B 421 -23.67 -14.32 4.97
CA ILE B 421 -23.14 -15.67 5.20
C ILE B 421 -24.11 -16.73 4.70
N LEU B 422 -25.41 -16.54 4.98
CA LEU B 422 -26.40 -17.52 4.57
C LEU B 422 -26.46 -17.64 3.05
N VAL B 423 -26.48 -16.50 2.35
CA VAL B 423 -26.57 -16.56 0.89
C VAL B 423 -25.28 -17.12 0.29
N THR B 424 -24.13 -16.76 0.86
CA THR B 424 -22.86 -17.30 0.38
C THR B 424 -22.80 -18.80 0.53
N GLY B 425 -23.25 -19.31 1.69
CA GLY B 425 -23.33 -20.76 1.86
C GLY B 425 -24.32 -21.40 0.92
N LEU B 426 -25.43 -20.71 0.63
CA LEU B 426 -26.41 -21.22 -0.32
C LEU B 426 -25.80 -21.39 -1.70
N LEU B 427 -25.04 -20.37 -2.15
CA LEU B 427 -24.45 -20.45 -3.49
C LEU B 427 -23.32 -21.46 -3.54
N LEU B 428 -22.55 -21.60 -2.46
CA LEU B 428 -21.46 -22.56 -2.44
C LEU B 428 -21.98 -24.00 -2.40
N GLY B 429 -23.17 -24.21 -1.87
CA GLY B 429 -23.74 -25.54 -1.80
C GLY B 429 -24.53 -25.91 -3.03
N ILE B 430 -25.50 -25.08 -3.40
CA ILE B 430 -26.31 -25.35 -4.59
C ILE B 430 -25.48 -25.10 -5.84
N LYS B 431 -25.54 -26.03 -6.79
CA LYS B 431 -24.81 -25.88 -8.04
C LYS B 431 -25.33 -24.67 -8.81
N THR B 432 -24.43 -23.76 -9.17
CA THR B 432 -24.77 -22.57 -9.94
C THR B 432 -24.16 -22.58 -11.33
N PHE B 433 -22.85 -22.81 -11.43
CA PHE B 433 -22.17 -22.87 -12.70
C PHE B 433 -21.58 -24.26 -12.90
N ASN B 434 -21.49 -24.68 -14.17
CA ASN B 434 -20.97 -26.01 -14.47
C ASN B 434 -19.53 -26.17 -14.02
N ASP B 435 -18.70 -25.16 -14.27
CA ASP B 435 -17.31 -25.19 -13.83
C ASP B 435 -17.23 -24.88 -12.35
N ALA B 436 -16.50 -25.73 -11.60
CA ALA B 436 -16.41 -25.54 -10.16
C ALA B 436 -15.72 -24.23 -9.82
N ALA B 437 -14.64 -23.89 -10.52
CA ALA B 437 -13.95 -22.64 -10.26
C ALA B 437 -14.85 -21.45 -10.53
N GLN B 438 -15.63 -21.49 -11.61
CA GLN B 438 -16.56 -20.42 -11.91
C GLN B 438 -17.66 -20.32 -10.87
N HIS B 439 -18.13 -21.46 -10.36
CA HIS B 439 -19.17 -21.45 -9.33
C HIS B 439 -18.65 -20.83 -8.04
N ARG B 440 -17.45 -21.22 -7.62
CA ARG B 440 -16.87 -20.62 -6.41
C ARG B 440 -16.55 -19.15 -6.63
N CYS B 441 -16.14 -18.76 -7.83
CA CYS B 441 -15.93 -17.35 -8.13
C CYS B 441 -17.24 -16.57 -8.07
N MET B 442 -18.33 -17.17 -8.53
CA MET B 442 -19.64 -16.52 -8.42
C MET B 442 -20.02 -16.32 -6.96
N ALA B 443 -19.79 -17.33 -6.12
CA ALA B 443 -20.07 -17.19 -4.69
C ALA B 443 -19.22 -16.09 -4.08
N LEU B 444 -17.93 -16.05 -4.41
CA LEU B 444 -17.04 -15.01 -3.89
C LEU B 444 -17.47 -13.63 -4.34
N VAL B 445 -17.85 -13.50 -5.61
CA VAL B 445 -18.30 -12.21 -6.16
C VAL B 445 -19.54 -11.74 -5.44
N GLU B 446 -20.50 -12.64 -5.22
CA GLU B 446 -21.70 -12.26 -4.49
C GLU B 446 -21.37 -11.82 -3.07
N CYS B 447 -20.49 -12.55 -2.39
CA CYS B 447 -20.12 -12.19 -1.03
C CYS B 447 -19.51 -10.79 -0.97
N VAL B 448 -18.55 -10.53 -1.84
CA VAL B 448 -17.86 -9.24 -1.80
C VAL B 448 -18.80 -8.11 -2.22
N ALA B 449 -19.65 -8.35 -3.23
CA ALA B 449 -20.59 -7.33 -3.67
C ALA B 449 -21.60 -7.00 -2.58
N PHE B 450 -22.10 -8.02 -1.87
CA PHE B 450 -23.05 -7.78 -0.80
C PHE B 450 -22.40 -7.10 0.40
N LEU B 451 -21.12 -7.39 0.66
CA LEU B 451 -20.43 -6.69 1.73
C LEU B 451 -20.14 -5.24 1.36
N TRP B 452 -19.86 -4.97 0.08
CA TRP B 452 -19.55 -3.61 -0.35
C TRP B 452 -20.80 -2.75 -0.45
N ALA B 453 -21.89 -3.30 -0.97
CA ALA B 453 -23.11 -2.51 -1.17
C ALA B 453 -23.83 -2.25 0.14
N SER B 454 -23.94 -3.25 1.01
CA SER B 454 -24.68 -3.10 2.25
C SER B 454 -23.86 -2.43 3.35
N GLU B 455 -22.55 -2.29 3.17
CA GLU B 455 -21.68 -1.65 4.15
C GLU B 455 -21.78 -2.34 5.51
N ALA B 456 -21.83 -3.67 5.49
CA ALA B 456 -21.77 -4.42 6.75
C ALA B 456 -20.44 -4.19 7.45
N ILE B 457 -19.34 -4.21 6.70
CA ILE B 457 -18.03 -3.88 7.21
C ILE B 457 -17.43 -2.81 6.30
N PRO B 458 -16.45 -2.04 6.78
CA PRO B 458 -15.90 -0.95 5.97
C PRO B 458 -15.37 -1.44 4.64
N LEU B 459 -15.43 -0.54 3.64
CA LEU B 459 -15.06 -0.92 2.28
C LEU B 459 -13.60 -1.33 2.18
N HIS B 460 -12.71 -0.60 2.85
CA HIS B 460 -11.30 -0.99 2.85
C HIS B 460 -11.10 -2.32 3.55
N ILE B 461 -11.92 -2.63 4.56
CA ILE B 461 -11.81 -3.92 5.24
C ILE B 461 -12.28 -5.04 4.31
N THR B 462 -13.33 -4.81 3.53
CA THR B 462 -13.74 -5.80 2.54
C THR B 462 -12.66 -5.98 1.49
N ALA B 463 -12.01 -4.90 1.09
CA ALA B 463 -10.89 -4.99 0.15
C ALA B 463 -9.75 -5.82 0.73
N PHE B 464 -9.47 -5.63 2.02
CA PHE B 464 -8.46 -6.45 2.69
C PHE B 464 -8.88 -7.91 2.72
N LEU B 465 -10.16 -8.18 2.94
CA LEU B 465 -10.66 -9.55 2.98
C LEU B 465 -10.66 -10.21 1.61
N VAL B 466 -10.71 -9.41 0.53
CA VAL B 466 -10.81 -9.98 -0.81
C VAL B 466 -9.67 -10.96 -1.13
N PRO B 467 -8.39 -10.64 -0.90
CA PRO B 467 -7.35 -11.65 -1.19
C PRO B 467 -7.50 -12.93 -0.39
N LEU B 468 -7.92 -12.83 0.88
CA LEU B 468 -8.09 -14.03 1.68
C LEU B 468 -9.16 -14.94 1.08
N LEU B 469 -10.30 -14.35 0.67
CA LEU B 469 -11.36 -15.14 0.07
C LEU B 469 -10.94 -15.68 -1.30
N VAL B 470 -10.15 -14.92 -2.06
CA VAL B 470 -9.66 -15.40 -3.34
C VAL B 470 -8.77 -16.63 -3.15
N VAL B 471 -7.89 -16.58 -2.16
CA VAL B 471 -7.00 -17.71 -1.90
C VAL B 471 -7.79 -18.91 -1.37
N LEU B 472 -8.72 -18.67 -0.45
CA LEU B 472 -9.46 -19.77 0.17
C LEU B 472 -10.39 -20.45 -0.82
N PHE B 473 -11.13 -19.67 -1.61
CA PHE B 473 -12.11 -20.23 -2.53
C PHE B 473 -11.47 -20.99 -3.69
N LYS B 474 -10.17 -20.83 -3.92
CA LYS B 474 -9.46 -21.49 -5.01
C LYS B 474 -10.13 -21.21 -6.36
N VAL B 475 -10.18 -19.92 -6.70
CA VAL B 475 -10.86 -19.47 -7.91
C VAL B 475 -9.85 -19.19 -9.01
N LEU B 476 -8.62 -18.85 -8.62
CA LEU B 476 -7.59 -18.55 -9.60
C LEU B 476 -7.23 -19.79 -10.40
N LYS B 477 -7.00 -19.60 -11.70
CA LYS B 477 -6.72 -20.70 -12.62
C LYS B 477 -5.41 -20.43 -13.34
N THR B 478 -4.63 -21.48 -13.56
CA THR B 478 -3.34 -21.36 -14.22
C THR B 478 -3.54 -21.24 -15.74
N SER B 479 -2.43 -21.07 -16.46
CA SER B 479 -2.50 -20.96 -17.91
C SER B 479 -3.00 -22.26 -18.54
N ASP B 480 -2.62 -23.40 -17.96
CA ASP B 480 -3.09 -24.69 -18.47
C ASP B 480 -4.61 -24.78 -18.36
N GLY B 481 -5.16 -24.42 -17.21
CA GLY B 481 -6.58 -24.51 -17.00
C GLY B 481 -6.92 -25.26 -15.72
N ALA B 482 -5.91 -25.59 -14.94
CA ALA B 482 -6.08 -26.29 -13.67
C ALA B 482 -6.10 -25.29 -12.52
N ILE B 483 -6.73 -25.71 -11.42
CA ILE B 483 -6.82 -24.85 -10.24
C ILE B 483 -5.44 -24.71 -9.63
N MET B 484 -5.01 -23.46 -9.42
CA MET B 484 -3.69 -23.18 -8.90
C MET B 484 -3.60 -23.50 -7.40
N SER B 485 -2.39 -23.81 -6.95
CA SER B 485 -2.17 -24.12 -5.55
C SER B 485 -2.33 -22.88 -4.69
N ALA B 486 -2.54 -23.10 -3.40
CA ALA B 486 -2.75 -22.00 -2.47
C ALA B 486 -1.52 -21.12 -2.37
N ALA B 487 -0.33 -21.72 -2.40
CA ALA B 487 0.90 -20.94 -2.35
C ALA B 487 1.04 -20.06 -3.59
N SER B 488 0.77 -20.63 -4.78
CA SER B 488 0.85 -19.84 -6.00
C SER B 488 -0.24 -18.77 -6.04
N ALA B 489 -1.45 -19.11 -5.61
CA ALA B 489 -2.54 -18.14 -5.60
C ALA B 489 -2.26 -16.98 -4.66
N SER B 490 -1.48 -17.22 -3.60
CA SER B 490 -1.10 -16.13 -2.70
C SER B 490 -0.21 -15.12 -3.40
N SER B 491 0.71 -15.59 -4.24
CA SER B 491 1.66 -14.70 -4.90
C SER B 491 0.97 -13.78 -5.89
N GLU B 492 0.10 -14.34 -6.75
CA GLU B 492 -0.50 -13.54 -7.81
C GLU B 492 -1.53 -12.56 -7.26
N ILE B 493 -2.39 -13.00 -6.32
CA ILE B 493 -3.40 -12.11 -5.78
C ILE B 493 -2.78 -11.02 -4.92
N LEU B 494 -1.55 -11.21 -4.45
CA LEU B 494 -0.85 -10.17 -3.72
C LEU B 494 0.05 -9.32 -4.60
N ALA B 495 0.48 -9.84 -5.74
CA ALA B 495 1.22 -9.05 -6.70
C ALA B 495 0.31 -8.19 -7.57
N ALA B 496 -0.99 -8.47 -7.59
CA ALA B 496 -1.95 -7.68 -8.34
C ALA B 496 -2.48 -6.49 -7.57
N MET B 497 -2.11 -6.35 -6.30
CA MET B 497 -2.61 -5.23 -5.50
C MET B 497 -1.92 -3.93 -5.90
N TRP B 498 -0.61 -3.86 -5.74
CA TRP B 498 0.13 -2.66 -6.13
C TRP B 498 0.31 -2.64 -7.65
N SER B 499 -0.05 -1.52 -8.26
CA SER B 499 0.02 -1.39 -9.72
C SER B 499 0.23 0.08 -10.05
N SER B 500 0.17 0.39 -11.36
CA SER B 500 0.37 1.77 -11.80
C SER B 500 -0.74 2.68 -11.30
N THR B 501 -1.97 2.17 -11.25
CA THR B 501 -3.11 2.99 -10.84
C THR B 501 -2.93 3.50 -9.41
N ILE B 502 -2.34 2.68 -8.54
CA ILE B 502 -2.09 3.11 -7.17
C ILE B 502 -1.09 4.26 -7.14
N MET B 503 -0.04 4.19 -7.95
CA MET B 503 0.94 5.26 -8.00
C MET B 503 0.33 6.56 -8.51
N ILE B 504 -0.54 6.46 -9.53
CA ILE B 504 -1.24 7.65 -10.00
C ILE B 504 -2.20 8.16 -8.93
N LEU B 505 -2.80 7.25 -8.17
CA LEU B 505 -3.66 7.65 -7.05
C LEU B 505 -2.86 8.40 -5.98
N LEU B 506 -1.65 7.93 -5.69
CA LEU B 506 -0.83 8.58 -4.68
C LEU B 506 -0.34 9.94 -5.15
N ALA B 507 -0.07 10.07 -6.46
CA ALA B 507 0.36 11.37 -6.99
C ALA B 507 -0.77 12.39 -6.94
N GLY B 508 -2.02 11.94 -7.12
CA GLY B 508 -3.14 12.86 -7.00
C GLY B 508 -3.25 13.45 -5.61
N PHE B 509 -2.97 12.64 -4.59
CA PHE B 509 -2.95 13.16 -3.22
C PHE B 509 -1.81 14.15 -3.03
N THR B 510 -0.64 13.87 -3.61
CA THR B 510 0.49 14.77 -3.48
C THR B 510 0.21 16.09 -4.19
N LEU B 511 -0.30 16.04 -5.42
CA LEU B 511 -0.63 17.26 -6.14
C LEU B 511 -1.74 18.03 -5.44
N GLY B 512 -2.74 17.32 -4.92
CA GLY B 512 -3.84 17.98 -4.23
C GLY B 512 -3.47 18.53 -2.87
N GLU B 513 -2.28 18.21 -2.36
CA GLU B 513 -1.86 18.69 -1.05
C GLU B 513 -1.00 19.95 -1.14
N VAL B 514 -0.03 19.99 -2.06
CA VAL B 514 0.81 21.16 -2.21
C VAL B 514 0.00 22.33 -2.76
N LEU B 515 -0.90 22.06 -3.70
CA LEU B 515 -1.71 23.12 -4.30
C LEU B 515 -2.64 23.77 -3.28
N ALA B 516 -3.05 23.04 -2.24
CA ALA B 516 -3.93 23.57 -1.21
C ALA B 516 -3.17 24.10 0.00
N GLN B 517 -2.06 23.46 0.38
CA GLN B 517 -1.30 23.90 1.55
C GLN B 517 -0.54 25.18 1.27
N TYR B 518 -0.08 25.38 0.02
CA TYR B 518 0.71 26.54 -0.35
C TYR B 518 -0.12 27.63 -1.00
N ASN B 519 -1.44 27.63 -0.80
CA ASN B 519 -2.33 28.71 -1.22
C ASN B 519 -2.23 28.99 -2.72
N ILE B 520 -2.24 27.93 -3.53
CA ILE B 520 -2.27 28.05 -4.97
C ILE B 520 -3.67 27.83 -5.53
N ALA B 521 -4.27 26.68 -5.20
CA ALA B 521 -5.65 26.43 -5.61
C ALA B 521 -6.60 27.42 -4.97
N LYS B 522 -6.29 27.89 -3.76
CA LYS B 522 -7.12 28.88 -3.11
C LYS B 522 -7.22 30.16 -3.94
N VAL B 523 -6.07 30.66 -4.43
CA VAL B 523 -6.08 31.85 -5.27
C VAL B 523 -6.71 31.54 -6.62
N LEU B 524 -6.39 30.39 -7.20
CA LEU B 524 -6.91 30.01 -8.51
C LEU B 524 -8.43 29.86 -8.50
N ALA B 525 -9.03 29.59 -7.34
CA ALA B 525 -10.48 29.60 -7.23
C ALA B 525 -11.03 30.96 -6.82
N SER B 526 -10.27 31.69 -6.00
CA SER B 526 -10.74 32.98 -5.51
C SER B 526 -10.88 33.99 -6.63
N TRP B 527 -9.93 34.02 -7.57
CA TRP B 527 -10.04 35.02 -8.62
C TRP B 527 -11.12 34.67 -9.65
N LEU B 528 -11.37 33.40 -9.92
CA LEU B 528 -12.55 33.04 -10.71
C LEU B 528 -13.84 33.40 -9.99
N LEU B 529 -13.89 33.19 -8.67
CA LEU B 529 -15.06 33.63 -7.91
C LEU B 529 -15.24 35.14 -8.01
N ALA B 530 -14.13 35.89 -7.97
CA ALA B 530 -14.20 37.34 -8.11
C ALA B 530 -14.70 37.75 -9.49
N PHE B 531 -14.34 36.98 -10.53
CA PHE B 531 -14.80 37.29 -11.88
C PHE B 531 -16.30 37.15 -12.04
N ALA B 532 -17.00 36.51 -11.09
CA ALA B 532 -18.43 36.27 -11.25
C ALA B 532 -19.22 37.57 -11.23
N GLY B 533 -18.99 38.42 -10.22
CA GLY B 533 -19.77 39.63 -10.08
C GLY B 533 -20.66 39.60 -8.85
N CYS B 534 -21.91 40.04 -8.99
CA CYS B 534 -22.84 40.11 -7.88
C CYS B 534 -24.17 39.42 -8.15
N LYS B 535 -24.44 38.99 -9.37
CA LYS B 535 -25.72 38.34 -9.67
C LYS B 535 -25.77 36.97 -8.98
N PRO B 536 -26.87 36.64 -8.30
CA PRO B 536 -26.93 35.34 -7.62
C PRO B 536 -26.82 34.16 -8.56
N ARG B 537 -27.51 34.21 -9.70
CA ARG B 537 -27.39 33.12 -10.67
C ARG B 537 -25.97 33.02 -11.21
N ASN B 538 -25.34 34.18 -11.48
CA ASN B 538 -23.97 34.16 -11.99
C ASN B 538 -23.00 33.65 -10.93
N VAL B 539 -23.19 34.05 -9.67
CA VAL B 539 -22.32 33.59 -8.60
C VAL B 539 -22.45 32.08 -8.43
N LEU B 540 -23.69 31.57 -8.45
CA LEU B 540 -23.91 30.14 -8.31
C LEU B 540 -23.29 29.36 -9.48
N LEU B 541 -23.48 29.87 -10.69
CA LEU B 541 -22.89 29.25 -11.88
C LEU B 541 -21.37 29.22 -11.78
N MET B 542 -20.78 30.33 -11.34
CA MET B 542 -19.34 30.38 -11.16
C MET B 542 -18.88 29.39 -10.10
N ALA B 543 -19.69 29.20 -9.06
CA ALA B 543 -19.35 28.22 -8.02
C ALA B 543 -19.28 26.82 -8.59
N MET B 544 -20.32 26.40 -9.33
CA MET B 544 -20.25 25.07 -9.91
C MET B 544 -19.11 24.94 -10.92
N CYS B 545 -18.89 25.94 -11.76
CA CYS B 545 -17.82 25.85 -12.74
C CYS B 545 -16.44 25.82 -12.09
N VAL B 546 -16.26 26.56 -11.00
CA VAL B 546 -14.99 26.54 -10.28
C VAL B 546 -14.76 25.16 -9.68
N VAL B 547 -15.81 24.56 -9.10
CA VAL B 547 -15.64 23.22 -8.55
C VAL B 547 -15.28 22.23 -9.65
N PHE B 548 -15.95 22.35 -10.80
CA PHE B 548 -15.67 21.45 -11.92
C PHE B 548 -14.23 21.62 -12.42
N PHE B 549 -13.76 22.86 -12.51
CA PHE B 549 -12.40 23.10 -12.99
C PHE B 549 -11.35 22.67 -11.97
N LEU B 550 -11.68 22.72 -10.68
CA LEU B 550 -10.73 22.29 -9.66
C LEU B 550 -10.66 20.77 -9.56
N SER B 551 -11.79 20.09 -9.75
CA SER B 551 -11.86 18.66 -9.52
C SER B 551 -10.92 17.86 -10.41
N MET B 552 -10.45 18.43 -11.52
CA MET B 552 -9.54 17.72 -12.39
C MET B 552 -8.09 17.76 -11.90
N TRP B 553 -7.78 18.59 -10.91
CA TRP B 553 -6.45 18.64 -10.32
C TRP B 553 -6.46 18.28 -8.85
N ILE B 554 -7.33 18.89 -8.05
CA ILE B 554 -7.36 18.66 -6.61
C ILE B 554 -8.36 17.57 -6.23
N SER B 555 -8.95 16.92 -7.24
CA SER B 555 -9.94 15.85 -7.07
C SER B 555 -11.25 16.38 -6.50
N ASN B 556 -12.32 15.60 -6.66
CA ASN B 556 -13.66 16.06 -6.31
C ASN B 556 -14.01 15.85 -4.84
N VAL B 557 -13.06 15.40 -4.03
CA VAL B 557 -13.27 15.25 -2.60
C VAL B 557 -12.75 16.45 -1.84
N ALA B 558 -11.54 16.92 -2.17
CA ALA B 558 -10.97 18.09 -1.52
C ALA B 558 -11.51 19.41 -2.08
N ALA B 559 -12.03 19.40 -3.31
CA ALA B 559 -12.58 20.62 -3.88
C ALA B 559 -13.79 21.17 -3.13
N PRO B 560 -14.80 20.36 -2.76
CA PRO B 560 -15.96 20.96 -2.09
C PRO B 560 -15.64 21.66 -0.78
N VAL B 561 -14.71 21.13 0.01
CA VAL B 561 -14.42 21.74 1.31
C VAL B 561 -13.72 23.09 1.11
N LEU B 562 -12.82 23.17 0.12
CA LEU B 562 -12.19 24.46 -0.17
C LEU B 562 -13.19 25.44 -0.75
N THR B 563 -14.14 24.97 -1.56
CA THR B 563 -15.19 25.85 -2.06
C THR B 563 -16.05 26.39 -0.94
N TYR B 564 -16.39 25.54 0.03
CA TYR B 564 -17.11 26.01 1.21
C TYR B 564 -16.30 27.03 1.99
N SER B 565 -14.99 26.78 2.14
CA SER B 565 -14.13 27.71 2.87
C SER B 565 -14.09 29.07 2.17
N LEU B 566 -13.98 29.08 0.85
CA LEU B 566 -13.98 30.35 0.11
C LEU B 566 -15.34 31.02 0.11
N LEU B 567 -16.42 30.24 0.25
CA LEU B 567 -17.77 30.78 0.35
C LEU B 567 -18.21 31.00 1.79
N SER B 568 -17.31 30.81 2.76
CA SER B 568 -17.68 30.91 4.16
C SER B 568 -18.26 32.27 4.54
N PRO B 569 -17.66 33.40 4.19
CA PRO B 569 -18.28 34.69 4.56
C PRO B 569 -19.68 34.87 3.98
N LEU B 570 -19.90 34.39 2.75
CA LEU B 570 -21.23 34.48 2.17
C LEU B 570 -22.18 33.46 2.78
N LEU B 571 -21.71 32.23 3.00
CA LEU B 571 -22.59 31.17 3.49
C LEU B 571 -22.92 31.35 4.97
N ASP B 572 -21.93 31.72 5.78
CA ASP B 572 -22.17 31.88 7.22
C ASP B 572 -23.15 33.02 7.48
N ALA B 573 -22.97 34.15 6.79
CA ALA B 573 -23.88 35.28 6.97
C ALA B 573 -25.30 34.92 6.52
N MET B 574 -25.41 34.22 5.39
CA MET B 574 -26.72 33.83 4.88
C MET B 574 -27.33 32.76 5.79
N ASP B 575 -28.64 32.85 5.97
CA ASP B 575 -29.36 31.96 6.87
C ASP B 575 -30.03 30.83 6.10
N ALA B 576 -30.52 29.84 6.86
CA ALA B 576 -31.21 28.70 6.26
C ALA B 576 -32.52 29.10 5.59
N ASP B 577 -33.13 30.22 6.02
CA ASP B 577 -34.40 30.64 5.44
C ASP B 577 -34.23 31.06 3.99
N SER B 578 -33.09 31.66 3.66
CA SER B 578 -32.87 32.18 2.32
C SER B 578 -32.84 31.04 1.30
N PRO B 579 -33.50 31.17 0.15
CA PRO B 579 -33.46 30.09 -0.84
C PRO B 579 -32.15 30.00 -1.61
N PHE B 580 -31.35 31.07 -1.64
CA PHE B 580 -30.09 31.03 -2.38
C PHE B 580 -29.12 30.05 -1.73
N ALA B 581 -28.92 30.16 -0.41
CA ALA B 581 -28.07 29.20 0.28
C ALA B 581 -28.68 27.82 0.28
N GLN B 582 -30.01 27.72 0.30
CA GLN B 582 -30.70 26.44 0.28
C GLN B 582 -30.62 25.73 -1.07
N ALA B 583 -29.98 26.33 -2.06
CA ALA B 583 -29.88 25.74 -3.40
C ALA B 583 -28.89 24.58 -3.41
N LEU B 584 -29.18 23.58 -2.59
CA LEU B 584 -28.33 22.40 -2.42
C LEU B 584 -26.89 22.82 -2.17
N VAL B 585 -26.71 23.45 -1.00
CA VAL B 585 -25.46 24.03 -0.51
C VAL B 585 -24.73 24.77 -1.64
N LEU B 586 -25.44 25.66 -2.33
CA LEU B 586 -24.89 26.45 -3.44
C LEU B 586 -24.38 25.56 -4.57
N GLY B 587 -25.02 24.40 -4.77
CA GLY B 587 -24.69 23.56 -5.90
C GLY B 587 -23.33 22.89 -5.86
N VAL B 588 -22.58 23.00 -4.76
CA VAL B 588 -21.26 22.40 -4.70
C VAL B 588 -21.34 20.88 -4.73
N ALA B 589 -22.32 20.31 -4.04
CA ALA B 589 -22.47 18.85 -4.06
C ALA B 589 -22.77 18.34 -5.46
N LEU B 590 -23.65 19.02 -6.20
CA LEU B 590 -23.96 18.61 -7.56
C LEU B 590 -22.75 18.77 -8.47
N ALA B 591 -22.01 19.86 -8.32
CA ALA B 591 -20.84 20.07 -9.17
C ALA B 591 -19.76 19.03 -8.90
N ALA B 592 -19.53 18.72 -7.63
CA ALA B 592 -18.47 17.75 -7.30
C ALA B 592 -18.87 16.33 -7.65
N ASN B 593 -20.17 16.01 -7.60
CA ASN B 593 -20.61 14.68 -7.99
C ASN B 593 -20.38 14.44 -9.48
N ILE B 594 -20.52 15.49 -10.29
CA ILE B 594 -20.14 15.40 -11.70
C ILE B 594 -18.70 15.89 -11.81
N GLY B 595 -18.03 16.04 -10.66
CA GLY B 595 -16.62 16.38 -10.66
C GLY B 595 -15.71 15.26 -11.12
N GLY B 596 -16.15 14.01 -10.96
CA GLY B 596 -15.42 12.88 -11.52
C GLY B 596 -15.43 12.83 -13.03
N MET B 597 -16.26 13.67 -13.66
CA MET B 597 -16.25 13.83 -15.11
C MET B 597 -14.99 14.51 -15.61
N SER B 598 -14.31 15.27 -14.75
CA SER B 598 -13.38 16.29 -15.20
C SER B 598 -12.18 15.69 -15.94
N SER B 599 -11.49 14.73 -15.33
CA SER B 599 -10.21 14.27 -15.86
C SER B 599 -9.92 12.91 -15.25
N PRO B 600 -8.90 12.20 -15.77
CA PRO B 600 -8.52 10.92 -15.16
C PRO B 600 -8.08 11.02 -13.71
N ILE B 601 -7.62 12.19 -13.26
CA ILE B 601 -7.15 12.34 -11.89
C ILE B 601 -8.20 13.07 -11.08
N SER B 602 -9.46 13.00 -11.52
CA SER B 602 -10.55 13.65 -10.80
C SER B 602 -11.09 12.77 -9.68
N SER B 603 -11.37 11.51 -9.97
CA SER B 603 -11.90 10.57 -9.01
C SER B 603 -11.24 9.22 -9.22
N PRO B 604 -11.17 8.38 -8.18
CA PRO B 604 -10.54 7.06 -8.35
C PRO B 604 -11.19 6.19 -9.40
N GLN B 605 -12.48 6.41 -9.70
CA GLN B 605 -13.12 5.65 -10.76
C GLN B 605 -12.44 5.92 -12.11
N ASN B 606 -12.12 7.19 -12.38
CA ASN B 606 -11.41 7.52 -13.62
C ASN B 606 -10.03 6.88 -13.65
N ILE B 607 -9.33 6.86 -12.51
CA ILE B 607 -8.01 6.26 -12.46
C ILE B 607 -8.10 4.77 -12.77
N ILE B 608 -9.08 4.08 -12.19
CA ILE B 608 -9.25 2.66 -12.46
C ILE B 608 -9.63 2.42 -13.92
N SER B 609 -10.52 3.25 -14.47
CA SER B 609 -11.04 3.02 -15.80
C SER B 609 -10.03 3.35 -16.90
N MET B 610 -9.12 4.29 -16.64
CA MET B 610 -8.13 4.64 -17.66
C MET B 610 -7.21 3.47 -18.00
N SER B 611 -7.05 2.52 -17.07
CA SER B 611 -6.30 1.32 -17.39
C SER B 611 -6.99 0.51 -18.48
N TYR B 612 -8.32 0.44 -18.43
CA TYR B 612 -9.08 -0.23 -19.48
C TYR B 612 -9.14 0.60 -20.75
N LEU B 613 -9.17 1.93 -20.62
CA LEU B 613 -9.24 2.79 -21.79
C LEU B 613 -7.92 2.86 -22.55
N LYS B 614 -6.80 2.59 -21.89
CA LYS B 614 -5.49 2.74 -22.52
C LYS B 614 -5.28 1.81 -23.72
N PRO B 615 -5.55 0.50 -23.64
CA PRO B 615 -5.25 -0.37 -24.78
C PRO B 615 -6.00 -0.02 -26.05
N TYR B 616 -7.15 0.66 -25.96
CA TYR B 616 -7.91 1.02 -27.14
C TYR B 616 -7.41 2.30 -27.80
N GLY B 617 -6.40 2.97 -27.22
CA GLY B 617 -5.87 4.20 -27.76
C GLY B 617 -6.39 5.46 -27.09
N ILE B 618 -7.23 5.34 -26.06
CA ILE B 618 -7.79 6.50 -25.40
C ILE B 618 -6.78 7.06 -24.41
N GLY B 619 -6.47 8.36 -24.55
CA GLY B 619 -5.58 9.02 -23.64
C GLY B 619 -6.22 10.23 -22.97
N TRP B 620 -5.42 11.21 -22.59
CA TRP B 620 -5.99 12.43 -22.00
C TRP B 620 -6.70 13.28 -23.04
N GLY B 621 -6.29 13.18 -24.31
CA GLY B 621 -6.97 13.93 -25.36
C GLY B 621 -8.42 13.52 -25.50
N GLN B 622 -8.68 12.21 -25.53
CA GLN B 622 -10.06 11.74 -25.59
C GLN B 622 -10.81 12.04 -24.30
N PHE B 623 -10.14 11.89 -23.16
CA PHE B 623 -10.80 12.17 -21.88
C PHE B 623 -11.04 13.65 -21.65
N PHE B 624 -10.48 14.53 -22.48
CA PHE B 624 -10.86 15.93 -22.47
C PHE B 624 -11.79 16.31 -23.62
N ALA B 625 -11.81 15.54 -24.70
CA ALA B 625 -12.72 15.78 -25.80
C ALA B 625 -14.12 15.27 -25.54
N VAL B 626 -14.27 14.18 -24.77
CA VAL B 626 -15.58 13.60 -24.51
C VAL B 626 -16.14 13.97 -23.14
N ALA B 627 -15.30 14.32 -22.17
CA ALA B 627 -15.75 14.54 -20.80
C ALA B 627 -15.98 16.02 -20.49
N LEU B 628 -15.11 16.90 -20.99
CA LEU B 628 -15.30 18.33 -20.75
C LEU B 628 -16.60 18.86 -21.35
N PRO B 629 -16.95 18.59 -22.62
CA PRO B 629 -18.22 19.13 -23.13
C PRO B 629 -19.44 18.50 -22.50
N SER B 630 -19.44 17.17 -22.33
CA SER B 630 -20.57 16.51 -21.68
C SER B 630 -20.73 16.99 -20.25
N GLY B 631 -19.61 17.09 -19.52
CA GLY B 631 -19.68 17.57 -18.15
C GLY B 631 -20.15 19.00 -18.06
N ILE B 632 -19.70 19.85 -18.99
CA ILE B 632 -20.12 21.25 -18.97
C ILE B 632 -21.60 21.37 -19.32
N LEU B 633 -22.08 20.59 -20.28
CA LEU B 633 -23.49 20.65 -20.63
C LEU B 633 -24.37 20.16 -19.48
N ALA B 634 -23.97 19.06 -18.83
CA ALA B 634 -24.73 18.57 -17.68
C ALA B 634 -24.69 19.58 -16.54
N MET B 635 -23.53 20.20 -16.31
CA MET B 635 -23.42 21.25 -15.31
C MET B 635 -24.32 22.43 -15.64
N LEU B 636 -24.39 22.82 -16.91
CA LEU B 636 -25.27 23.93 -17.29
C LEU B 636 -26.74 23.57 -17.05
N LEU B 637 -27.15 22.35 -17.42
CA LEU B 637 -28.54 21.96 -17.18
C LEU B 637 -28.85 21.89 -15.68
N VAL B 638 -27.88 21.42 -14.88
CA VAL B 638 -28.07 21.39 -13.44
C VAL B 638 -28.18 22.80 -12.89
N TRP B 639 -27.38 23.72 -13.43
CA TRP B 639 -27.46 25.13 -13.01
C TRP B 639 -28.83 25.71 -13.34
N ILE B 640 -29.36 25.40 -14.51
CA ILE B 640 -30.69 25.88 -14.88
C ILE B 640 -31.74 25.30 -13.95
N LEU B 641 -31.65 23.99 -13.68
CA LEU B 641 -32.65 23.34 -12.83
C LEU B 641 -32.64 23.89 -11.42
N LEU B 642 -31.44 24.09 -10.84
CA LEU B 642 -31.34 24.71 -9.53
C LEU B 642 -31.78 26.17 -9.54
N PHE B 643 -31.55 26.86 -10.66
CA PHE B 643 -31.85 28.29 -10.76
C PHE B 643 -33.34 28.54 -10.86
N THR B 644 -34.05 27.75 -11.67
CA THR B 644 -35.48 27.98 -11.86
C THR B 644 -36.32 27.50 -10.67
N THR B 645 -35.93 26.39 -10.04
CA THR B 645 -36.74 25.77 -9.01
C THR B 645 -36.48 26.33 -7.61
N PHE B 646 -35.52 27.23 -7.45
CA PHE B 646 -35.21 27.78 -6.13
C PHE B 646 -35.52 29.26 -5.99
N LYS B 647 -35.94 29.92 -7.08
CA LYS B 647 -36.33 31.34 -7.09
C LYS B 647 -35.41 32.20 -6.21
N MET B 648 -34.12 32.14 -6.53
CA MET B 648 -33.09 32.86 -5.78
C MET B 648 -32.70 34.17 -6.43
N ASN B 649 -33.46 34.64 -7.43
CA ASN B 649 -33.15 35.90 -8.09
C ASN B 649 -33.23 37.09 -7.14
N LYS B 650 -33.93 36.96 -6.02
CA LYS B 650 -34.04 38.03 -5.03
C LYS B 650 -33.03 37.74 -3.92
N THR B 651 -31.81 38.24 -4.09
CA THR B 651 -30.75 38.04 -3.13
C THR B 651 -29.67 39.09 -3.38
N LYS B 652 -29.11 39.64 -2.30
CA LYS B 652 -28.06 40.64 -2.38
C LYS B 652 -26.72 39.99 -2.05
N LEU B 653 -25.77 40.10 -2.98
CA LEU B 653 -24.44 39.52 -2.82
C LEU B 653 -23.39 40.58 -3.10
N GLU B 654 -22.20 40.35 -2.56
CA GLU B 654 -21.06 41.24 -2.73
C GLU B 654 -20.01 40.57 -3.61
N LYS B 655 -19.41 41.36 -4.51
CA LYS B 655 -18.40 40.82 -5.40
C LYS B 655 -17.18 40.34 -4.62
N PHE B 656 -16.71 39.15 -4.95
CA PHE B 656 -15.56 38.58 -4.27
C PHE B 656 -14.29 39.35 -4.60
N LYS B 657 -13.37 39.39 -3.65
CA LYS B 657 -12.09 40.05 -3.84
C LYS B 657 -11.02 39.00 -4.10
N PRO B 658 -10.35 39.02 -5.25
CA PRO B 658 -9.29 38.04 -5.49
C PRO B 658 -8.09 38.28 -4.58
N ILE B 659 -7.38 37.20 -4.29
CA ILE B 659 -6.22 37.27 -3.41
C ILE B 659 -5.09 37.93 -4.19
N LYS B 660 -4.83 39.21 -3.90
CA LYS B 660 -3.79 39.97 -4.59
C LYS B 660 -2.48 39.79 -3.84
N THR B 661 -1.81 38.68 -4.14
CA THR B 661 -0.52 38.35 -3.55
C THR B 661 0.44 37.89 -4.64
N LYS B 662 1.70 38.28 -4.51
CA LYS B 662 2.72 37.81 -5.44
C LYS B 662 3.04 36.35 -5.19
N PHE B 663 3.51 35.67 -6.23
CA PHE B 663 3.83 34.25 -6.16
C PHE B 663 5.33 34.09 -5.90
N THR B 664 5.66 33.53 -4.74
CA THR B 664 7.05 33.28 -4.40
C THR B 664 7.63 32.19 -5.30
N VAL B 665 8.96 32.19 -5.42
CA VAL B 665 9.64 31.20 -6.26
C VAL B 665 9.35 29.79 -5.78
N LYS B 666 9.07 29.61 -4.49
CA LYS B 666 8.62 28.32 -4.01
C LYS B 666 7.27 27.94 -4.60
N GLN B 667 6.34 28.90 -4.66
CA GLN B 667 5.03 28.62 -5.24
C GLN B 667 5.14 28.39 -6.75
N TYR B 668 6.02 29.13 -7.43
CA TYR B 668 6.24 28.90 -8.85
C TYR B 668 6.84 27.52 -9.11
N TYR B 669 7.63 27.00 -8.16
CA TYR B 669 8.18 25.67 -8.30
C TYR B 669 7.09 24.61 -8.29
N ILE B 670 6.08 24.79 -7.44
CA ILE B 670 4.98 23.82 -7.37
C ILE B 670 4.21 23.79 -8.69
N ILE B 671 3.92 24.97 -9.25
CA ILE B 671 3.17 25.02 -10.50
C ILE B 671 3.96 24.39 -11.64
N THR B 672 5.26 24.71 -11.71
CA THR B 672 6.09 24.19 -12.79
C THR B 672 6.17 22.67 -12.76
N VAL B 673 6.33 22.10 -11.57
CA VAL B 673 6.37 20.63 -11.45
C VAL B 673 4.99 20.04 -11.72
N THR B 674 3.94 20.68 -11.19
CA THR B 674 2.59 20.16 -11.41
C THR B 674 2.22 20.16 -12.89
N VAL B 675 2.55 21.25 -13.60
CA VAL B 675 2.26 21.32 -15.02
C VAL B 675 3.08 20.28 -15.78
N ALA B 676 4.34 20.08 -15.39
CA ALA B 676 5.18 19.11 -16.07
C ALA B 676 4.63 17.70 -15.94
N THR B 677 4.14 17.35 -14.74
CA THR B 677 3.55 16.03 -14.54
C THR B 677 2.29 15.85 -15.39
N ILE B 678 1.44 16.87 -15.43
CA ILE B 678 0.23 16.79 -16.26
C ILE B 678 0.60 16.72 -17.74
N LEU B 679 1.58 17.53 -18.17
CA LEU B 679 2.00 17.50 -19.56
C LEU B 679 2.61 16.14 -19.93
N LEU B 680 3.39 15.55 -19.01
CA LEU B 680 3.93 14.22 -19.24
C LEU B 680 2.82 13.18 -19.31
N TRP B 681 1.81 13.30 -18.46
CA TRP B 681 0.69 12.37 -18.49
C TRP B 681 -0.07 12.46 -19.82
N CYS B 682 -0.28 13.68 -20.32
CA CYS B 682 -0.99 13.85 -21.59
C CYS B 682 -0.22 13.22 -22.74
N VAL B 683 1.11 13.36 -22.73
CA VAL B 683 1.95 12.85 -23.81
C VAL B 683 2.58 11.51 -23.44
N GLU B 684 1.98 10.79 -22.49
CA GLU B 684 2.55 9.53 -22.02
C GLU B 684 2.73 8.53 -23.15
N SER B 685 1.78 8.48 -24.09
CA SER B 685 1.86 7.50 -25.17
C SER B 685 3.09 7.73 -26.05
N GLN B 686 3.58 8.98 -26.12
CA GLN B 686 4.75 9.27 -26.94
C GLN B 686 6.06 9.10 -26.18
N ILE B 687 6.04 9.14 -24.85
CA ILE B 687 7.24 8.95 -24.05
C ILE B 687 7.11 7.68 -23.23
N GLU B 688 6.30 6.73 -23.73
CA GLU B 688 6.11 5.47 -23.03
C GLU B 688 7.34 4.59 -23.10
N GLY B 689 8.12 4.70 -24.17
CA GLY B 689 9.30 3.86 -24.35
C GLY B 689 10.42 4.11 -23.36
N ALA B 690 10.36 5.21 -22.61
CA ALA B 690 11.37 5.55 -21.63
C ALA B 690 10.84 5.49 -20.19
N PHE B 691 9.71 6.13 -19.92
CA PHE B 691 9.15 6.18 -18.58
C PHE B 691 8.32 4.96 -18.23
N GLY B 692 7.98 4.12 -19.20
CA GLY B 692 7.20 2.93 -18.93
C GLY B 692 5.70 3.15 -18.90
N SER B 693 5.21 3.85 -17.88
CA SER B 693 3.78 4.05 -17.74
C SER B 693 3.51 5.25 -16.85
N SER B 694 2.23 5.65 -16.80
CA SER B 694 1.82 6.74 -15.92
C SER B 694 2.09 6.41 -14.46
N GLY B 695 2.13 5.13 -14.11
CA GLY B 695 2.51 4.77 -12.74
C GLY B 695 3.91 5.24 -12.38
N GLN B 696 4.86 5.06 -13.30
CA GLN B 696 6.21 5.55 -13.08
C GLN B 696 6.31 7.06 -13.25
N ILE B 697 5.52 7.63 -14.17
CA ILE B 697 5.52 9.09 -14.32
C ILE B 697 5.00 9.77 -13.06
N ALA B 698 4.09 9.11 -12.34
CA ALA B 698 3.51 9.67 -11.12
C ALA B 698 4.49 9.72 -9.96
N ILE B 699 5.66 9.10 -10.09
CA ILE B 699 6.65 9.19 -9.02
C ILE B 699 7.43 10.50 -9.08
N ILE B 700 7.39 11.20 -10.20
CA ILE B 700 8.08 12.50 -10.29
C ILE B 700 7.50 13.52 -9.31
N PRO B 701 6.19 13.80 -9.29
CA PRO B 701 5.70 14.78 -8.31
C PRO B 701 5.94 14.35 -6.88
N ILE B 702 5.80 13.05 -6.59
CA ILE B 702 6.03 12.56 -5.24
C ILE B 702 7.46 12.84 -4.80
N VAL B 703 8.43 12.47 -5.65
CA VAL B 703 9.83 12.65 -5.28
C VAL B 703 10.17 14.13 -5.15
N LEU B 704 9.82 14.94 -6.16
CA LEU B 704 10.23 16.33 -6.12
C LEU B 704 9.38 17.18 -5.20
N PHE B 705 8.32 16.64 -4.60
CA PHE B 705 7.60 17.35 -3.56
C PHE B 705 7.84 16.84 -2.15
N PHE B 706 8.41 15.64 -2.01
CA PHE B 706 8.74 15.08 -0.71
C PHE B 706 10.22 15.22 -0.35
N GLY B 707 11.12 14.88 -1.28
CA GLY B 707 12.53 15.01 -0.98
C GLY B 707 13.03 16.43 -0.94
N THR B 708 12.23 17.39 -1.39
CA THR B 708 12.59 18.81 -1.30
C THR B 708 12.10 19.45 -0.02
N GLY B 709 11.47 18.69 0.88
CA GLY B 709 10.98 19.20 2.14
C GLY B 709 9.65 19.92 2.07
N LEU B 710 9.01 19.98 0.91
CA LEU B 710 7.72 20.66 0.80
C LEU B 710 6.66 19.94 1.63
N LEU B 711 6.65 18.61 1.59
CA LEU B 711 5.72 17.81 2.37
C LEU B 711 6.51 16.89 3.29
N SER B 712 6.15 16.88 4.57
CA SER B 712 6.84 16.07 5.56
C SER B 712 6.30 14.65 5.58
N THR B 713 6.82 13.84 6.51
CA THR B 713 6.34 12.47 6.65
C THR B 713 4.95 12.43 7.26
N GLN B 714 4.57 13.46 8.02
CA GLN B 714 3.24 13.51 8.60
C GLN B 714 2.18 13.60 7.51
N ASP B 715 2.47 14.33 6.44
CA ASP B 715 1.53 14.41 5.32
C ASP B 715 1.37 13.05 4.63
N LEU B 716 2.46 12.29 4.52
CA LEU B 716 2.38 10.97 3.89
C LEU B 716 1.47 10.04 4.68
N ASN B 717 1.54 10.09 6.00
CA ASN B 717 0.64 9.30 6.83
C ASN B 717 -0.77 9.88 6.88
N ALA B 718 -0.93 11.16 6.54
CA ALA B 718 -2.24 11.81 6.56
C ALA B 718 -3.04 11.60 5.27
N PHE B 719 -2.46 10.96 4.26
CA PHE B 719 -3.19 10.66 3.05
C PHE B 719 -4.32 9.68 3.35
N PRO B 720 -5.42 9.76 2.62
CA PRO B 720 -6.46 8.74 2.79
C PRO B 720 -6.03 7.41 2.21
N TRP B 721 -5.64 6.47 3.07
CA TRP B 721 -5.20 5.16 2.62
C TRP B 721 -6.34 4.17 2.51
N SER B 722 -7.53 4.49 3.03
CA SER B 722 -8.68 3.64 2.83
C SER B 722 -9.04 3.54 1.36
N ILE B 723 -8.95 4.65 0.63
CA ILE B 723 -9.20 4.63 -0.81
C ILE B 723 -8.17 3.78 -1.53
N VAL B 724 -6.91 3.86 -1.09
CA VAL B 724 -5.86 3.05 -1.70
C VAL B 724 -6.13 1.57 -1.48
N ILE B 725 -6.50 1.20 -0.26
CA ILE B 725 -6.82 -0.20 0.03
C ILE B 725 -8.02 -0.65 -0.78
N LEU B 726 -9.03 0.20 -0.90
CA LEU B 726 -10.22 -0.14 -1.68
C LEU B 726 -9.87 -0.36 -3.15
N ALA B 727 -9.02 0.50 -3.71
CA ALA B 727 -8.60 0.32 -5.10
C ALA B 727 -7.80 -0.98 -5.27
N MET B 728 -6.92 -1.27 -4.32
CA MET B 728 -6.17 -2.53 -4.39
C MET B 728 -7.09 -3.72 -4.35
N GLY B 729 -8.10 -3.70 -3.47
CA GLY B 729 -9.05 -4.80 -3.41
C GLY B 729 -9.89 -4.91 -4.66
N GLY B 730 -10.25 -3.78 -5.26
CA GLY B 730 -10.99 -3.81 -6.51
C GLY B 730 -10.19 -4.42 -7.64
N ILE B 731 -8.91 -4.05 -7.74
CA ILE B 731 -8.06 -4.63 -8.77
C ILE B 731 -7.87 -6.12 -8.53
N ALA B 732 -7.72 -6.53 -7.26
CA ALA B 732 -7.60 -7.94 -6.94
C ALA B 732 -8.86 -8.71 -7.33
N LEU B 733 -10.03 -8.13 -7.06
CA LEU B 733 -11.28 -8.78 -7.45
C LEU B 733 -11.41 -8.89 -8.96
N GLY B 734 -11.00 -7.83 -9.68
CA GLY B 734 -11.00 -7.90 -11.13
C GLY B 734 -10.11 -9.00 -11.66
N LYS B 735 -8.90 -9.13 -11.10
CA LYS B 735 -8.02 -10.21 -11.51
C LYS B 735 -8.63 -11.58 -11.19
N ALA B 736 -9.26 -11.70 -10.02
CA ALA B 736 -9.87 -12.97 -9.65
C ALA B 736 -11.00 -13.36 -10.60
N VAL B 737 -11.85 -12.40 -10.96
CA VAL B 737 -12.95 -12.73 -11.87
C VAL B 737 -12.45 -12.98 -13.27
N SER B 738 -11.37 -12.30 -13.69
CA SER B 738 -10.82 -12.54 -15.03
C SER B 738 -10.15 -13.91 -15.12
N SER B 739 -9.42 -14.30 -14.08
CA SER B 739 -8.68 -15.56 -14.14
C SER B 739 -9.59 -16.76 -14.07
N SER B 740 -10.64 -16.70 -13.25
CA SER B 740 -11.53 -17.84 -13.06
C SER B 740 -12.36 -18.14 -14.30
N GLY B 741 -12.48 -17.20 -15.23
CA GLY B 741 -13.28 -17.39 -16.42
C GLY B 741 -14.75 -17.11 -16.26
N LEU B 742 -15.19 -16.63 -15.10
CA LEU B 742 -16.60 -16.30 -14.90
C LEU B 742 -17.03 -15.15 -15.81
N LEU B 743 -16.19 -14.13 -15.93
CA LEU B 743 -16.54 -12.97 -16.74
C LEU B 743 -16.73 -13.35 -18.20
N SER B 744 -15.86 -14.23 -18.72
CA SER B 744 -15.99 -14.66 -20.11
C SER B 744 -17.31 -15.38 -20.34
N THR B 745 -17.69 -16.28 -19.42
CA THR B 745 -18.95 -17.01 -19.56
C THR B 745 -20.14 -16.06 -19.48
N ILE B 746 -20.11 -15.11 -18.53
CA ILE B 746 -21.22 -14.16 -18.41
C ILE B 746 -21.34 -13.31 -19.66
N ALA B 747 -20.21 -12.83 -20.19
CA ALA B 747 -20.23 -12.01 -21.40
C ALA B 747 -20.72 -12.82 -22.59
N LYS B 748 -20.31 -14.08 -22.70
CA LYS B 748 -20.80 -14.93 -23.79
C LYS B 748 -22.31 -15.12 -23.71
N ALA B 749 -22.82 -15.38 -22.50
CA ALA B 749 -24.26 -15.54 -22.33
C ALA B 749 -25.01 -14.27 -22.69
N LEU B 750 -24.50 -13.12 -22.24
CA LEU B 750 -25.17 -11.84 -22.55
C LEU B 750 -25.14 -11.56 -24.05
N GLN B 751 -24.01 -11.83 -24.71
CA GLN B 751 -23.92 -11.61 -26.15
C GLN B 751 -24.88 -12.52 -26.90
N LYS B 752 -24.98 -13.80 -26.49
CA LYS B 752 -25.93 -14.70 -27.14
C LYS B 752 -27.37 -14.26 -26.88
N LYS B 753 -27.65 -13.69 -25.71
CA LYS B 753 -29.00 -13.24 -25.41
C LYS B 753 -29.38 -12.03 -26.25
N ILE B 754 -28.50 -11.03 -26.32
CA ILE B 754 -28.78 -9.79 -27.05
C ILE B 754 -27.55 -9.42 -27.85
N GLU B 755 -27.62 -9.56 -29.17
CA GLU B 755 -26.51 -9.24 -30.06
C GLU B 755 -26.91 -8.33 -31.21
N ASN B 756 -28.13 -8.47 -31.74
CA ASN B 756 -28.52 -7.74 -32.93
C ASN B 756 -28.78 -6.26 -32.64
N ASP B 757 -28.94 -5.87 -31.39
CA ASP B 757 -29.20 -4.48 -31.06
C ASP B 757 -27.96 -3.63 -31.32
N GLY B 758 -28.20 -2.33 -31.49
CA GLY B 758 -27.11 -1.40 -31.69
C GLY B 758 -26.33 -1.16 -30.41
N VAL B 759 -25.14 -0.57 -30.58
CA VAL B 759 -24.29 -0.27 -29.42
C VAL B 759 -24.94 0.79 -28.54
N PHE B 760 -25.77 1.66 -29.11
CA PHE B 760 -26.44 2.68 -28.31
C PHE B 760 -27.37 2.05 -27.28
N ALA B 761 -28.21 1.10 -27.71
CA ALA B 761 -29.16 0.48 -26.80
C ALA B 761 -28.45 -0.31 -25.71
N ILE B 762 -27.42 -1.08 -26.08
CA ILE B 762 -26.65 -1.82 -25.08
C ILE B 762 -25.91 -0.87 -24.15
N LEU B 763 -25.62 0.36 -24.60
CA LEU B 763 -25.03 1.35 -23.70
C LEU B 763 -26.06 1.88 -22.72
N CYS B 764 -27.28 2.16 -23.18
CA CYS B 764 -28.32 2.64 -22.26
C CYS B 764 -28.69 1.58 -21.23
N ILE B 765 -28.81 0.31 -21.65
CA ILE B 765 -29.20 -0.72 -20.69
C ILE B 765 -28.10 -0.93 -19.65
N PHE B 766 -26.84 -0.81 -20.05
CA PHE B 766 -25.75 -0.88 -19.09
C PHE B 766 -25.56 0.43 -18.34
N GLY B 767 -25.78 1.56 -19.01
CA GLY B 767 -25.62 2.85 -18.35
C GLY B 767 -26.66 3.09 -17.27
N ILE B 768 -27.93 2.77 -17.57
CA ILE B 768 -28.99 3.05 -16.60
C ILE B 768 -28.85 2.16 -15.37
N LEU B 769 -28.33 0.93 -15.54
CA LEU B 769 -28.01 0.10 -14.39
C LEU B 769 -26.90 0.73 -13.56
N MET B 770 -25.88 1.27 -14.22
CA MET B 770 -24.79 1.91 -13.50
C MET B 770 -25.25 3.15 -12.76
N LEU B 771 -26.26 3.86 -13.29
CA LEU B 771 -26.80 5.03 -12.60
C LEU B 771 -27.37 4.65 -11.24
N VAL B 772 -28.26 3.65 -11.21
CA VAL B 772 -28.87 3.25 -9.95
C VAL B 772 -27.83 2.59 -9.03
N VAL B 773 -26.86 1.87 -9.61
CA VAL B 773 -25.83 1.26 -8.79
C VAL B 773 -25.00 2.33 -8.08
N GLY B 774 -24.58 3.35 -8.82
CA GLY B 774 -23.89 4.47 -8.21
C GLY B 774 -24.74 5.22 -7.22
N THR B 775 -26.04 5.29 -7.46
CA THR B 775 -26.95 5.88 -6.49
C THR B 775 -26.92 5.11 -5.17
N PHE B 776 -26.93 3.78 -5.24
CA PHE B 776 -26.92 2.95 -4.03
C PHE B 776 -25.50 2.55 -3.63
N VAL B 777 -24.80 1.84 -4.52
CA VAL B 777 -23.44 1.41 -4.23
C VAL B 777 -22.47 2.57 -4.47
N SER B 778 -21.30 2.50 -3.83
CA SER B 778 -20.31 3.54 -3.99
C SER B 778 -19.81 3.62 -5.42
N HIS B 779 -19.45 4.85 -5.83
CA HIS B 779 -18.99 5.06 -7.21
C HIS B 779 -17.72 4.29 -7.51
N THR B 780 -16.77 4.28 -6.57
CA THR B 780 -15.54 3.51 -6.76
C THR B 780 -15.84 2.03 -6.88
N VAL B 781 -16.71 1.50 -6.03
CA VAL B 781 -17.11 0.10 -6.12
C VAL B 781 -17.81 -0.17 -7.45
N SER B 782 -18.66 0.76 -7.88
CA SER B 782 -19.36 0.59 -9.15
C SER B 782 -18.38 0.50 -10.31
N ALA B 783 -17.40 1.40 -10.35
CA ALA B 783 -16.37 1.32 -11.37
C ALA B 783 -15.54 0.05 -11.23
N ILE B 784 -15.44 -0.50 -10.01
CA ILE B 784 -14.71 -1.74 -9.82
C ILE B 784 -15.45 -2.91 -10.44
N ILE B 785 -16.77 -2.97 -10.27
CA ILE B 785 -17.54 -4.16 -10.63
C ILE B 785 -18.06 -4.10 -12.06
N ILE B 786 -18.66 -2.98 -12.48
CA ILE B 786 -19.30 -2.92 -13.79
C ILE B 786 -18.27 -2.86 -14.92
N ILE B 787 -17.20 -2.08 -14.75
CA ILE B 787 -16.29 -1.80 -15.88
C ILE B 787 -15.71 -3.07 -16.49
N PRO B 788 -15.18 -4.03 -15.73
CA PRO B 788 -14.65 -5.24 -16.38
C PRO B 788 -15.70 -6.00 -17.18
N LEU B 789 -16.94 -6.07 -16.67
CA LEU B 789 -17.98 -6.80 -17.38
C LEU B 789 -18.31 -6.16 -18.73
N VAL B 790 -18.51 -4.84 -18.74
CA VAL B 790 -18.82 -4.17 -19.99
C VAL B 790 -17.62 -4.21 -20.93
N GLN B 791 -16.40 -4.15 -20.39
CA GLN B 791 -15.22 -4.26 -21.23
C GLN B 791 -15.16 -5.62 -21.92
N GLU B 792 -15.43 -6.69 -21.17
CA GLU B 792 -15.41 -8.03 -21.76
C GLU B 792 -16.53 -8.18 -22.79
N VAL B 793 -17.72 -7.66 -22.49
CA VAL B 793 -18.83 -7.75 -23.44
C VAL B 793 -18.50 -7.02 -24.73
N GLY B 794 -17.93 -5.82 -24.62
CA GLY B 794 -17.53 -5.09 -25.81
C GLY B 794 -16.44 -5.80 -26.58
N ASP B 795 -15.51 -6.45 -25.87
CA ASP B 795 -14.48 -7.23 -26.54
C ASP B 795 -15.11 -8.36 -27.35
N LYS B 796 -16.07 -9.06 -26.77
CA LYS B 796 -16.73 -10.15 -27.47
C LYS B 796 -17.74 -9.67 -28.52
N LEU B 797 -18.03 -8.38 -28.58
CA LEU B 797 -18.94 -7.85 -29.58
C LEU B 797 -18.29 -7.92 -30.97
N GLY B 798 -19.14 -8.11 -31.98
CA GLY B 798 -18.71 -8.18 -33.36
C GLY B 798 -18.59 -6.84 -34.06
N ASN B 799 -18.85 -5.74 -33.34
CA ASN B 799 -18.74 -4.40 -33.87
C ASN B 799 -17.49 -3.74 -33.33
N PRO B 800 -16.63 -3.15 -34.16
CA PRO B 800 -15.43 -2.51 -33.63
C PRO B 800 -15.73 -1.16 -32.99
N LYS B 801 -14.82 -0.74 -32.11
CA LYS B 801 -14.92 0.50 -31.34
C LYS B 801 -16.01 0.37 -30.27
N ALA B 802 -16.76 -0.73 -30.30
CA ALA B 802 -17.84 -0.92 -29.33
C ALA B 802 -17.31 -1.03 -27.91
N ALA B 803 -16.22 -1.78 -27.70
CA ALA B 803 -15.67 -1.93 -26.37
C ALA B 803 -15.21 -0.60 -25.76
N PRO B 804 -14.40 0.23 -26.43
CA PRO B 804 -14.12 1.55 -25.86
C PRO B 804 -15.35 2.40 -25.69
N ILE B 805 -16.34 2.28 -26.58
CA ILE B 805 -17.58 3.03 -26.43
C ILE B 805 -18.23 2.71 -25.08
N LEU B 806 -18.42 1.41 -24.81
CA LEU B 806 -19.07 1.01 -23.57
C LEU B 806 -18.23 1.36 -22.35
N VAL B 807 -16.92 1.13 -22.42
CA VAL B 807 -16.07 1.39 -21.26
C VAL B 807 -16.06 2.86 -20.92
N PHE B 808 -15.90 3.72 -21.93
CA PHE B 808 -15.89 5.17 -21.69
C PHE B 808 -17.25 5.65 -21.20
N GLY B 809 -18.32 5.14 -21.79
CA GLY B 809 -19.66 5.55 -21.36
C GLY B 809 -19.94 5.19 -19.91
N CYS B 810 -19.58 3.97 -19.51
CA CYS B 810 -19.80 3.57 -18.12
C CYS B 810 -18.85 4.28 -17.16
N ALA B 811 -17.61 4.53 -17.58
CA ALA B 811 -16.68 5.25 -16.71
C ALA B 811 -17.13 6.68 -16.47
N LEU B 812 -17.60 7.36 -17.51
CA LEU B 812 -18.15 8.70 -17.33
C LEU B 812 -19.40 8.66 -16.45
N LEU B 813 -20.28 7.69 -16.66
CA LEU B 813 -21.51 7.57 -15.89
C LEU B 813 -21.28 7.09 -14.46
N SER B 814 -20.07 6.63 -14.13
CA SER B 814 -19.82 6.14 -12.78
C SER B 814 -19.99 7.26 -11.75
N SER B 815 -19.51 8.47 -12.07
CA SER B 815 -19.69 9.60 -11.17
C SER B 815 -21.14 10.04 -11.07
N CYS B 816 -22.00 9.60 -11.98
CA CYS B 816 -23.42 9.87 -11.88
C CYS B 816 -24.07 8.94 -10.86
N GLY B 817 -25.36 9.14 -10.62
CA GLY B 817 -26.04 8.43 -9.56
C GLY B 817 -25.86 9.13 -8.24
N MET B 818 -26.30 10.39 -8.19
CA MET B 818 -26.03 11.27 -7.07
C MET B 818 -27.27 11.77 -6.33
N GLY B 819 -28.48 11.46 -6.83
CA GLY B 819 -29.67 12.03 -6.24
C GLY B 819 -29.88 11.63 -4.80
N LEU B 820 -29.73 10.35 -4.50
CA LEU B 820 -29.98 9.84 -3.16
C LEU B 820 -28.83 10.25 -2.23
N ALA B 821 -29.18 10.79 -1.07
CA ALA B 821 -28.18 11.31 -0.15
C ALA B 821 -27.36 10.19 0.47
N SER B 822 -26.21 10.57 1.04
CA SER B 822 -25.26 9.62 1.62
C SER B 822 -24.77 8.61 0.59
N SER B 823 -24.57 9.08 -0.65
CA SER B 823 -24.02 8.26 -1.71
C SER B 823 -22.58 8.60 -2.03
N GLY B 824 -21.99 9.56 -1.33
CA GLY B 824 -20.62 9.95 -1.59
C GLY B 824 -20.22 11.09 -0.70
N PHE B 825 -18.93 11.40 -0.73
CA PHE B 825 -18.39 12.49 0.07
C PHE B 825 -19.00 13.84 -0.26
N PRO B 826 -19.12 14.26 -1.52
CA PRO B 826 -19.68 15.60 -1.78
C PRO B 826 -21.10 15.78 -1.27
N ASN B 827 -21.93 14.73 -1.29
CA ASN B 827 -23.28 14.86 -0.78
C ASN B 827 -23.36 14.66 0.73
N VAL B 828 -22.50 13.81 1.28
CA VAL B 828 -22.44 13.63 2.73
C VAL B 828 -22.01 14.94 3.40
N THR B 829 -20.98 15.58 2.85
CA THR B 829 -20.56 16.88 3.36
C THR B 829 -21.64 17.94 3.14
N ALA B 830 -22.43 17.79 2.09
CA ALA B 830 -23.46 18.78 1.76
C ALA B 830 -24.55 18.81 2.83
N ILE B 831 -25.11 17.64 3.17
CA ILE B 831 -26.22 17.60 4.12
C ILE B 831 -25.76 18.02 5.50
N SER B 832 -24.52 17.69 5.89
CA SER B 832 -24.01 18.05 7.20
C SER B 832 -23.73 19.55 7.35
N LYS B 833 -23.78 20.31 6.26
CA LYS B 833 -23.51 21.73 6.34
C LYS B 833 -24.60 22.44 7.14
N VAL B 834 -24.18 23.40 7.97
CA VAL B 834 -25.07 24.11 8.88
C VAL B 834 -24.87 25.61 8.68
N ASP B 835 -25.97 26.34 8.51
CA ASP B 835 -25.91 27.79 8.34
C ASP B 835 -26.17 28.47 9.68
N ARG B 836 -25.09 28.87 10.34
CA ARG B 836 -25.12 29.70 11.57
C ARG B 836 -25.93 28.95 12.62
N LYS B 837 -26.91 29.58 13.27
CA LYS B 837 -27.66 28.90 14.33
C LYS B 837 -28.69 27.94 13.77
N GLY B 838 -29.12 28.14 12.53
CA GLY B 838 -30.14 27.28 11.96
C GLY B 838 -29.64 25.86 11.79
N ASP B 839 -30.57 24.91 11.76
CA ASP B 839 -30.25 23.51 11.64
C ASP B 839 -29.86 23.19 10.20
N ARG B 840 -29.74 21.89 9.90
CA ARG B 840 -29.42 21.45 8.54
C ARG B 840 -30.43 22.01 7.56
N TYR B 841 -29.98 22.89 6.67
CA TYR B 841 -30.86 23.55 5.73
C TYR B 841 -31.11 22.74 4.48
N LEU B 842 -30.15 21.90 4.09
CA LEU B 842 -30.32 21.00 2.95
C LEU B 842 -31.01 19.74 3.46
N SER B 843 -32.32 19.70 3.33
CA SER B 843 -33.10 18.58 3.85
C SER B 843 -33.02 17.38 2.90
N VAL B 844 -33.46 16.23 3.40
CA VAL B 844 -33.47 15.01 2.61
C VAL B 844 -34.44 15.15 1.44
N MET B 845 -35.62 15.73 1.69
CA MET B 845 -36.62 15.88 0.65
C MET B 845 -36.10 16.74 -0.51
N THR B 846 -35.42 17.83 -0.18
CA THR B 846 -34.87 18.70 -1.23
C THR B 846 -33.85 17.96 -2.07
N PHE B 847 -32.99 17.16 -1.44
CA PHE B 847 -31.98 16.42 -2.18
C PHE B 847 -32.62 15.38 -3.09
N LEU B 848 -33.58 14.61 -2.57
CA LEU B 848 -34.25 13.62 -3.41
C LEU B 848 -35.17 14.25 -4.45
N THR B 849 -35.50 15.53 -4.33
CA THR B 849 -36.27 16.19 -5.37
C THR B 849 -35.40 16.87 -6.42
N ARG B 850 -34.17 17.24 -6.10
CA ARG B 850 -33.31 17.93 -7.06
C ARG B 850 -32.23 17.05 -7.68
N GLY B 851 -31.57 16.20 -6.89
CA GLY B 851 -30.46 15.42 -7.43
C GLY B 851 -30.89 14.40 -8.47
N VAL B 852 -32.00 13.70 -8.23
CA VAL B 852 -32.43 12.66 -9.15
C VAL B 852 -32.74 13.21 -10.54
N PRO B 853 -33.54 14.28 -10.70
CA PRO B 853 -33.65 14.88 -12.03
C PRO B 853 -32.33 15.39 -12.57
N ALA B 854 -31.46 15.92 -11.70
CA ALA B 854 -30.12 16.30 -12.14
C ALA B 854 -29.33 15.09 -12.59
N SER B 855 -29.49 13.96 -11.91
CA SER B 855 -28.82 12.73 -12.33
C SER B 855 -29.32 12.29 -13.71
N ILE B 856 -30.63 12.41 -13.95
CA ILE B 856 -31.16 12.05 -15.26
C ILE B 856 -30.65 13.01 -16.34
N LEU B 857 -30.55 14.30 -16.00
CA LEU B 857 -29.97 15.26 -16.94
C LEU B 857 -28.53 14.91 -17.27
N ALA B 858 -27.74 14.51 -16.27
CA ALA B 858 -26.37 14.09 -16.52
C ALA B 858 -26.34 12.86 -17.41
N PHE B 859 -27.24 11.90 -17.17
CA PHE B 859 -27.31 10.71 -17.99
C PHE B 859 -27.62 11.05 -19.44
N LEU B 860 -28.56 11.98 -19.66
CA LEU B 860 -28.90 12.38 -21.02
C LEU B 860 -27.75 13.13 -21.70
N CYS B 861 -27.11 14.06 -20.97
CA CYS B 861 -25.96 14.78 -21.51
C CYS B 861 -24.80 13.86 -21.80
N VAL B 862 -24.74 12.70 -21.14
CA VAL B 862 -23.78 11.69 -21.55
C VAL B 862 -24.25 11.02 -22.83
N ILE B 863 -25.38 10.32 -22.77
CA ILE B 863 -25.81 9.44 -23.86
C ILE B 863 -26.13 10.18 -25.15
N THR B 864 -26.14 11.51 -25.14
CA THR B 864 -26.28 12.20 -26.42
C THR B 864 -24.98 12.89 -26.82
N LEU B 865 -24.52 13.84 -26.00
CA LEU B 865 -23.35 14.63 -26.38
C LEU B 865 -22.08 13.79 -26.30
N GLY B 866 -21.86 13.14 -25.16
CA GLY B 866 -20.66 12.34 -25.02
C GLY B 866 -20.67 11.16 -25.96
N TYR B 867 -21.85 10.58 -26.21
CA TYR B 867 -21.94 9.50 -27.18
C TYR B 867 -21.52 9.96 -28.57
N GLY B 868 -22.06 11.10 -29.02
CA GLY B 868 -21.70 11.61 -30.33
C GLY B 868 -20.22 11.92 -30.45
N ILE B 869 -19.67 12.64 -29.48
CA ILE B 869 -18.28 13.04 -29.55
C ILE B 869 -17.37 11.81 -29.48
N MET B 870 -17.67 10.88 -28.57
CA MET B 870 -16.85 9.68 -28.41
C MET B 870 -16.90 8.83 -29.68
N ALA B 871 -18.08 8.70 -30.28
CA ALA B 871 -18.17 8.00 -31.56
C ALA B 871 -17.36 8.73 -32.63
N SER B 872 -17.24 10.05 -32.53
CA SER B 872 -16.45 10.78 -33.51
C SER B 872 -14.95 10.63 -33.28
N VAL B 873 -14.52 10.59 -32.02
CA VAL B 873 -13.10 10.72 -31.70
C VAL B 873 -12.43 9.37 -31.44
N VAL B 874 -13.09 8.44 -30.74
CA VAL B 874 -12.39 7.21 -30.38
C VAL B 874 -12.31 6.28 -31.59
N LYS B 875 -11.33 5.37 -31.55
CA LYS B 875 -11.04 4.47 -32.65
C LYS B 875 -11.08 3.03 -32.16
N GLY B 876 -11.47 2.13 -33.07
CA GLY B 876 -11.55 0.72 -32.76
C GLY B 876 -10.20 0.03 -32.84
N ASN B 877 -10.23 -1.28 -32.58
CA ASN B 877 -9.07 -2.17 -32.60
C ASN B 877 -7.83 -1.54 -31.95
#